data_3CMO
#
_entry.id   3CMO
#
_cell.length_a   75.650
_cell.length_b   69.940
_cell.length_c   84.360
_cell.angle_alpha   90.00
_cell.angle_beta   94.93
_cell.angle_gamma   90.00
#
_symmetry.space_group_name_H-M   'P 1 21 1'
#
loop_
_entity.id
_entity.type
_entity.pdbx_description
1 polymer 'Fab light chain'
2 polymer 'Fab heavy chain'
3 water water
#
loop_
_entity_poly.entity_id
_entity_poly.type
_entity_poly.pdbx_seq_one_letter_code
_entity_poly.pdbx_strand_id
1 'polypeptide(L)'
;DIVMTQSSSSLSASLGDRVTISCRASQDISNYLNWYQQKPDGTVELLIYYTSRLQSGVPSRFSGSGSGSDYSLTISNLVP
EDIATYYCQQYSKLFTFGSGTKLEIKRADAAPTVSIFPPSSEQLTSGGASVVCFLNNFYPKDINVKWKIDGSERQNGVLN
SWTDQDSKDSTYSMSSTLTLTKDEYERHNSYTCEATHKTSTSPIVKSFNR
;
L,X
2 'polypeptide(L)'
;AVQLSQSGTVLARPGASVKMSCKASGYTFTSYWMHWVKQRPGQGLEWIGAIYPGNSDTSYNQKFKGKAKLTAVTSASTAY
MELSSLTNEDSAVYYCTRWPHYYGGSRYYFDYWGQGTTLTVSSAKTTAPSVYPLAPVCGDTTGSSVTLGCLVKGYFPEPV
TLTWNSGSLSSGVHTFPAVLQSDLYTLSSSVTVTSSTWPSQSITCNVAHPASSTKVDKKIEP
;
H,Y
#
# COMPACT_ATOMS: atom_id res chain seq x y z
N ASP A 1 -39.39 -27.32 5.91
CA ASP A 1 -39.70 -26.14 5.06
C ASP A 1 -38.64 -25.96 3.97
N ILE A 2 -39.02 -25.31 2.87
CA ILE A 2 -38.10 -25.10 1.76
C ILE A 2 -36.81 -24.45 2.23
N VAL A 3 -35.68 -25.04 1.87
CA VAL A 3 -34.38 -24.53 2.27
C VAL A 3 -33.64 -23.91 1.07
N MET A 4 -33.15 -22.69 1.24
CA MET A 4 -32.43 -22.00 0.19
C MET A 4 -30.94 -22.08 0.50
N THR A 5 -30.13 -22.31 -0.54
CA THR A 5 -28.69 -22.43 -0.35
C THR A 5 -27.84 -21.79 -1.46
N GLN A 6 -27.03 -20.82 -1.07
CA GLN A 6 -26.15 -20.11 -2.00
C GLN A 6 -24.72 -20.62 -1.81
N SER A 7 -24.34 -21.63 -2.58
CA SER A 7 -23.01 -22.22 -2.50
C SER A 7 -21.93 -21.15 -2.40
N SER A 8 -22.15 -20.04 -3.10
CA SER A 8 -21.21 -18.92 -3.11
C SER A 8 -21.18 -18.31 -1.71
N SER A 9 -20.14 -18.60 -0.93
CA SER A 9 -20.03 -18.05 0.41
C SER A 9 -19.36 -16.67 0.35
N SER A 10 -18.24 -16.58 -0.34
CA SER A 10 -17.50 -15.34 -0.50
C SER A 10 -16.97 -15.31 -1.91
N LEU A 11 -17.27 -14.23 -2.64
CA LEU A 11 -16.84 -14.10 -4.03
C LEU A 11 -15.86 -12.96 -4.25
N SER A 12 -14.78 -13.23 -5.00
CA SER A 12 -13.81 -12.19 -5.28
C SER A 12 -13.77 -11.91 -6.78
N ALA A 13 -13.90 -10.64 -7.13
CA ALA A 13 -13.90 -10.22 -8.52
C ALA A 13 -13.22 -8.88 -8.70
N SER A 14 -13.11 -8.45 -9.94
CA SER A 14 -12.48 -7.18 -10.26
C SER A 14 -13.50 -6.20 -10.78
N LEU A 15 -13.22 -4.92 -10.62
CA LEU A 15 -14.10 -3.89 -11.12
C LEU A 15 -14.24 -4.10 -12.63
N GLY A 16 -15.47 -4.08 -13.13
CA GLY A 16 -15.69 -4.28 -14.56
C GLY A 16 -16.00 -5.70 -14.90
N ASP A 17 -15.82 -6.61 -13.94
CA ASP A 17 -16.10 -8.01 -14.18
C ASP A 17 -17.60 -8.27 -14.28
N ARG A 18 -17.92 -9.47 -14.76
CA ARG A 18 -19.30 -9.88 -14.88
C ARG A 18 -19.41 -10.97 -13.83
N VAL A 19 -20.15 -10.67 -12.75
CA VAL A 19 -20.29 -11.62 -11.66
C VAL A 19 -21.65 -12.28 -11.62
N THR A 20 -21.66 -13.58 -11.30
CA THR A 20 -22.88 -14.33 -11.22
C THR A 20 -22.95 -15.07 -9.88
N ILE A 21 -24.05 -14.88 -9.16
CA ILE A 21 -24.26 -15.52 -7.85
C ILE A 21 -25.37 -16.57 -7.93
N SER A 22 -25.09 -17.78 -7.44
CA SER A 22 -26.07 -18.85 -7.47
C SER A 22 -26.96 -18.96 -6.24
N CYS A 23 -28.11 -19.59 -6.42
CA CYS A 23 -29.08 -19.81 -5.36
C CYS A 23 -29.84 -21.08 -5.68
N ARG A 24 -30.00 -21.96 -4.70
CA ARG A 24 -30.72 -23.23 -4.92
C ARG A 24 -31.76 -23.58 -3.87
N ALA A 25 -32.96 -23.91 -4.34
CA ALA A 25 -34.09 -24.28 -3.48
C ALA A 25 -34.19 -25.78 -3.34
N SER A 26 -34.84 -26.23 -2.26
CA SER A 26 -35.03 -27.65 -1.99
C SER A 26 -36.05 -28.26 -2.94
N GLN A 27 -36.81 -27.41 -3.61
CA GLN A 27 -37.82 -27.87 -4.55
C GLN A 27 -38.21 -26.77 -5.51
N ASP A 28 -38.89 -27.15 -6.60
CA ASP A 28 -39.32 -26.18 -7.59
C ASP A 28 -40.14 -25.11 -6.88
N ILE A 29 -39.70 -23.86 -6.96
CA ILE A 29 -40.42 -22.76 -6.33
C ILE A 29 -41.17 -21.89 -7.33
N SER A 30 -41.34 -22.41 -8.55
CA SER A 30 -42.08 -21.73 -9.63
C SER A 30 -41.72 -20.27 -9.86
N ASN A 31 -40.43 -19.99 -9.98
CA ASN A 31 -39.97 -18.62 -10.22
C ASN A 31 -40.29 -17.59 -9.14
N TYR A 32 -40.88 -18.02 -8.03
CA TYR A 32 -41.18 -17.09 -6.95
C TYR A 32 -39.91 -16.93 -6.16
N LEU A 33 -39.00 -16.12 -6.70
CA LEU A 33 -37.71 -15.88 -6.07
C LEU A 33 -37.22 -14.44 -6.28
N ASN A 34 -36.97 -13.74 -5.18
CA ASN A 34 -36.48 -12.35 -5.20
C ASN A 34 -34.99 -12.29 -4.82
N TRP A 35 -34.36 -11.15 -5.11
CA TRP A 35 -32.95 -10.95 -4.77
C TRP A 35 -32.75 -9.63 -4.00
N TYR A 36 -32.00 -9.72 -2.91
CA TYR A 36 -31.73 -8.53 -2.10
C TYR A 36 -30.24 -8.24 -1.92
N GLN A 37 -29.94 -6.96 -1.72
CA GLN A 37 -28.56 -6.55 -1.52
C GLN A 37 -28.43 -5.92 -0.15
N GLN A 38 -27.41 -6.32 0.61
CA GLN A 38 -27.19 -5.74 1.92
C GLN A 38 -25.78 -5.12 1.96
N LYS A 39 -25.73 -3.80 2.05
CA LYS A 39 -24.47 -3.06 2.11
C LYS A 39 -23.81 -3.25 3.46
N PRO A 40 -22.50 -3.00 3.53
CA PRO A 40 -21.79 -3.16 4.80
C PRO A 40 -22.43 -2.42 5.98
N ASP A 41 -23.19 -1.36 5.69
CA ASP A 41 -23.83 -0.60 6.77
C ASP A 41 -25.06 -1.29 7.33
N GLY A 42 -25.49 -2.38 6.70
CA GLY A 42 -26.67 -3.08 7.18
C GLY A 42 -27.93 -2.79 6.38
N THR A 43 -27.88 -1.78 5.53
CA THR A 43 -29.02 -1.41 4.68
C THR A 43 -29.34 -2.57 3.76
N VAL A 44 -30.62 -2.85 3.61
CA VAL A 44 -31.09 -3.94 2.76
C VAL A 44 -31.86 -3.34 1.59
N GLU A 45 -31.67 -3.89 0.40
CA GLU A 45 -32.33 -3.35 -0.77
C GLU A 45 -32.86 -4.45 -1.68
N LEU A 46 -33.99 -4.18 -2.34
CA LEU A 46 -34.60 -5.12 -3.28
C LEU A 46 -34.01 -4.91 -4.68
N LEU A 47 -33.46 -5.96 -5.28
CA LEU A 47 -32.85 -5.84 -6.61
C LEU A 47 -33.75 -6.35 -7.72
N ILE A 48 -34.03 -7.65 -7.66
CA ILE A 48 -34.87 -8.32 -8.64
C ILE A 48 -36.05 -9.01 -7.92
N TYR A 49 -37.18 -9.15 -8.62
CA TYR A 49 -38.36 -9.82 -8.07
C TYR A 49 -38.95 -10.72 -9.14
N TYR A 50 -39.68 -11.74 -8.71
CA TYR A 50 -40.32 -12.69 -9.62
C TYR A 50 -39.26 -13.28 -10.58
N THR A 51 -38.16 -13.75 -9.99
CA THR A 51 -37.03 -14.35 -10.72
C THR A 51 -36.18 -13.42 -11.59
N SER A 52 -36.84 -12.77 -12.55
CA SER A 52 -36.15 -11.93 -13.52
C SER A 52 -36.55 -10.47 -13.70
N ARG A 53 -37.47 -9.98 -12.88
CA ARG A 53 -37.92 -8.61 -13.01
C ARG A 53 -37.05 -7.63 -12.23
N LEU A 54 -36.53 -6.62 -12.93
CA LEU A 54 -35.68 -5.60 -12.32
C LEU A 54 -36.52 -4.53 -11.63
N GLN A 55 -36.31 -4.35 -10.32
CA GLN A 55 -37.06 -3.37 -9.55
C GLN A 55 -36.76 -1.96 -10.00
N SER A 56 -37.75 -1.08 -9.86
CA SER A 56 -37.61 0.32 -10.27
C SER A 56 -36.47 0.99 -9.50
N GLY A 57 -35.73 1.85 -10.19
CA GLY A 57 -34.64 2.56 -9.56
C GLY A 57 -33.35 1.78 -9.39
N VAL A 58 -33.36 0.51 -9.76
CA VAL A 58 -32.16 -0.31 -9.61
C VAL A 58 -31.34 -0.26 -10.91
N PRO A 59 -30.01 -0.12 -10.81
CA PRO A 59 -29.18 -0.07 -12.01
C PRO A 59 -29.38 -1.29 -12.91
N SER A 60 -29.48 -1.05 -14.22
CA SER A 60 -29.71 -2.12 -15.18
C SER A 60 -28.52 -3.08 -15.24
N ARG A 61 -27.54 -2.84 -14.38
CA ARG A 61 -26.37 -3.71 -14.30
C ARG A 61 -26.79 -5.03 -13.65
N PHE A 62 -27.87 -4.98 -12.88
CA PHE A 62 -28.39 -6.18 -12.21
C PHE A 62 -29.48 -6.86 -13.02
N SER A 63 -29.55 -8.18 -12.89
CA SER A 63 -30.53 -9.00 -13.58
C SER A 63 -30.54 -10.36 -12.92
N GLY A 64 -31.68 -11.05 -13.01
CA GLY A 64 -31.81 -12.38 -12.43
C GLY A 64 -32.24 -13.34 -13.51
N SER A 65 -32.10 -14.64 -13.26
CA SER A 65 -32.50 -15.65 -14.22
C SER A 65 -32.69 -16.96 -13.50
N GLY A 66 -33.16 -17.98 -14.21
CA GLY A 66 -33.35 -19.27 -13.59
C GLY A 66 -34.79 -19.75 -13.63
N SER A 67 -34.98 -21.00 -13.20
CA SER A 67 -36.29 -21.62 -13.17
C SER A 67 -36.17 -22.91 -12.38
N GLY A 68 -37.31 -23.46 -12.00
CA GLY A 68 -37.30 -24.69 -11.24
C GLY A 68 -36.73 -24.49 -9.86
N SER A 69 -35.57 -25.08 -9.60
CA SER A 69 -34.95 -24.96 -8.31
C SER A 69 -33.66 -24.13 -8.35
N ASP A 70 -33.15 -23.88 -9.56
CA ASP A 70 -31.90 -23.12 -9.70
C ASP A 70 -32.12 -21.70 -10.19
N TYR A 71 -31.52 -20.75 -9.49
CA TYR A 71 -31.67 -19.35 -9.87
C TYR A 71 -30.32 -18.67 -9.69
N SER A 72 -30.12 -17.54 -10.34
CA SER A 72 -28.86 -16.84 -10.19
C SER A 72 -28.97 -15.34 -10.43
N LEU A 73 -28.07 -14.58 -9.81
CA LEU A 73 -28.04 -13.13 -9.94
C LEU A 73 -26.77 -12.80 -10.73
N THR A 74 -26.89 -11.87 -11.66
CA THR A 74 -25.75 -11.48 -12.48
C THR A 74 -25.60 -9.97 -12.53
N ILE A 75 -24.36 -9.52 -12.55
CA ILE A 75 -24.06 -8.10 -12.63
C ILE A 75 -23.23 -7.92 -13.89
N SER A 76 -23.74 -7.14 -14.83
CA SER A 76 -23.07 -6.90 -16.10
C SER A 76 -21.61 -6.47 -15.93
N ASN A 77 -21.42 -5.38 -15.19
CA ASN A 77 -20.08 -4.85 -14.94
C ASN A 77 -20.06 -4.40 -13.49
N LEU A 78 -19.05 -4.84 -12.76
CA LEU A 78 -18.93 -4.52 -11.34
C LEU A 78 -18.34 -3.16 -11.04
N VAL A 79 -18.97 -2.46 -10.11
CA VAL A 79 -18.51 -1.14 -9.68
C VAL A 79 -18.31 -1.17 -8.16
N PRO A 80 -17.55 -0.21 -7.62
CA PRO A 80 -17.27 -0.13 -6.17
C PRO A 80 -18.47 -0.34 -5.21
N GLU A 81 -19.60 0.30 -5.51
CA GLU A 81 -20.78 0.21 -4.66
C GLU A 81 -21.43 -1.17 -4.61
N ASP A 82 -21.16 -2.02 -5.60
CA ASP A 82 -21.75 -3.35 -5.64
C ASP A 82 -21.11 -4.30 -4.63
N ILE A 83 -20.03 -3.86 -3.99
CA ILE A 83 -19.35 -4.70 -3.01
C ILE A 83 -20.25 -4.78 -1.80
N ALA A 84 -20.92 -5.92 -1.66
CA ALA A 84 -21.84 -6.11 -0.55
C ALA A 84 -22.18 -7.58 -0.45
N THR A 85 -23.20 -7.89 0.34
CA THR A 85 -23.64 -9.28 0.51
C THR A 85 -25.01 -9.42 -0.15
N TYR A 86 -25.18 -10.47 -0.96
CA TYR A 86 -26.43 -10.72 -1.66
C TYR A 86 -27.18 -11.96 -1.17
N TYR A 87 -28.50 -11.79 -1.00
CA TYR A 87 -29.39 -12.87 -0.54
C TYR A 87 -30.56 -13.13 -1.49
N CYS A 88 -30.92 -14.39 -1.67
CA CYS A 88 -32.06 -14.73 -2.51
C CYS A 88 -33.20 -15.06 -1.56
N GLN A 89 -34.43 -14.97 -2.04
CA GLN A 89 -35.60 -15.22 -1.21
C GLN A 89 -36.72 -15.91 -1.97
N GLN A 90 -37.19 -17.03 -1.44
CA GLN A 90 -38.28 -17.79 -2.06
C GLN A 90 -39.59 -17.42 -1.38
N TYR A 91 -40.68 -17.41 -2.14
CA TYR A 91 -42.00 -17.08 -1.56
C TYR A 91 -43.12 -17.93 -2.13
N SER A 92 -42.79 -19.14 -2.56
CA SER A 92 -43.78 -20.07 -3.11
C SER A 92 -44.52 -20.70 -1.94
N LYS A 93 -43.78 -21.03 -0.90
CA LYS A 93 -44.35 -21.64 0.30
C LYS A 93 -43.76 -20.89 1.50
N LEU A 94 -44.50 -19.90 1.99
CA LEU A 94 -44.07 -19.08 3.11
C LEU A 94 -42.83 -18.31 2.68
N PHE A 95 -41.91 -18.03 3.59
CA PHE A 95 -40.73 -17.26 3.23
C PHE A 95 -39.42 -17.85 3.73
N THR A 96 -38.39 -17.81 2.89
CA THR A 96 -37.08 -18.32 3.26
C THR A 96 -35.95 -17.58 2.55
N PHE A 97 -34.95 -17.12 3.31
CA PHE A 97 -33.81 -16.41 2.71
C PHE A 97 -32.61 -17.32 2.53
N GLY A 98 -31.87 -17.11 1.44
CA GLY A 98 -30.69 -17.92 1.18
C GLY A 98 -29.61 -17.68 2.24
N SER A 99 -28.56 -18.50 2.24
CA SER A 99 -27.48 -18.36 3.22
C SER A 99 -26.70 -17.06 3.06
N GLY A 100 -26.65 -16.54 1.85
CA GLY A 100 -25.93 -15.31 1.61
C GLY A 100 -24.59 -15.50 0.93
N THR A 101 -24.19 -14.50 0.16
CA THR A 101 -22.92 -14.53 -0.55
C THR A 101 -22.36 -13.11 -0.58
N LYS A 102 -21.11 -12.96 -0.13
CA LYS A 102 -20.50 -11.63 -0.09
C LYS A 102 -19.46 -11.46 -1.18
N LEU A 103 -19.39 -10.25 -1.72
CA LEU A 103 -18.44 -9.93 -2.77
C LEU A 103 -17.27 -9.14 -2.21
N GLU A 104 -16.08 -9.38 -2.77
CA GLU A 104 -14.87 -8.65 -2.37
C GLU A 104 -14.06 -8.39 -3.64
N ILE A 105 -13.34 -7.29 -3.66
CA ILE A 105 -12.52 -6.90 -4.80
C ILE A 105 -11.11 -7.49 -4.76
N LYS A 106 -10.61 -7.92 -5.92
CA LYS A 106 -9.26 -8.47 -6.03
C LYS A 106 -8.24 -7.34 -6.10
N ARG A 107 -7.05 -7.61 -5.59
CA ARG A 107 -5.95 -6.64 -5.63
C ARG A 107 -4.64 -7.43 -5.65
N ALA A 108 -3.51 -6.75 -5.59
CA ALA A 108 -2.22 -7.43 -5.62
C ALA A 108 -1.95 -8.14 -4.30
N ASP A 109 -1.25 -9.28 -4.35
CA ASP A 109 -0.95 -10.03 -3.14
C ASP A 109 -0.11 -9.19 -2.16
N ALA A 110 -0.43 -9.28 -0.87
CA ALA A 110 0.31 -8.52 0.12
C ALA A 110 0.58 -9.31 1.42
N ALA A 111 1.86 -9.37 1.81
CA ALA A 111 2.23 -10.05 3.04
C ALA A 111 1.82 -9.10 4.16
N PRO A 112 1.39 -9.66 5.30
CA PRO A 112 0.98 -8.84 6.44
C PRO A 112 2.16 -8.14 7.10
N THR A 113 1.90 -6.92 7.55
CA THR A 113 2.91 -6.14 8.27
C THR A 113 2.61 -6.50 9.74
N VAL A 114 3.53 -7.19 10.38
CA VAL A 114 3.34 -7.66 11.75
C VAL A 114 4.08 -6.88 12.83
N SER A 115 3.38 -6.58 13.92
CA SER A 115 3.97 -5.85 15.04
C SER A 115 3.48 -6.50 16.33
N ILE A 116 4.36 -6.64 17.32
CA ILE A 116 3.95 -7.26 18.58
C ILE A 116 4.08 -6.27 19.74
N PHE A 117 3.18 -6.36 20.72
CA PHE A 117 3.20 -5.43 21.84
C PHE A 117 3.04 -6.09 23.20
N PRO A 118 4.00 -5.83 24.10
CA PRO A 118 4.04 -6.36 25.47
C PRO A 118 2.96 -5.69 26.32
N PRO A 119 2.59 -6.29 27.46
CA PRO A 119 1.56 -5.72 28.33
C PRO A 119 2.01 -4.35 28.84
N SER A 120 1.08 -3.42 29.00
CA SER A 120 1.42 -2.10 29.51
C SER A 120 1.62 -2.22 31.03
N SER A 121 2.39 -1.30 31.58
CA SER A 121 2.63 -1.29 33.02
C SER A 121 1.31 -1.11 33.76
N GLU A 122 0.40 -0.35 33.18
CA GLU A 122 -0.90 -0.11 33.80
C GLU A 122 -1.70 -1.40 33.98
N GLN A 123 -1.74 -2.24 32.95
CA GLN A 123 -2.50 -3.48 33.04
C GLN A 123 -1.84 -4.45 34.02
N LEU A 124 -0.51 -4.47 34.03
CA LEU A 124 0.24 -5.35 34.92
C LEU A 124 -0.08 -5.08 36.39
N THR A 125 -0.16 -3.81 36.75
CA THR A 125 -0.50 -3.44 38.13
C THR A 125 -1.88 -3.97 38.49
N SER A 126 -2.74 -4.14 37.49
CA SER A 126 -4.09 -4.65 37.71
C SER A 126 -4.12 -6.17 37.81
N GLY A 127 -2.95 -6.80 37.71
CA GLY A 127 -2.90 -8.24 37.80
C GLY A 127 -3.15 -8.93 36.47
N GLY A 128 -3.28 -8.16 35.40
CA GLY A 128 -3.53 -8.74 34.09
C GLY A 128 -2.38 -8.48 33.11
N ALA A 129 -2.20 -9.39 32.15
CA ALA A 129 -1.14 -9.24 31.16
C ALA A 129 -1.63 -9.64 29.76
N SER A 130 -1.82 -8.64 28.90
CA SER A 130 -2.29 -8.88 27.54
C SER A 130 -1.21 -8.56 26.51
N VAL A 131 -0.96 -9.51 25.62
CA VAL A 131 0.05 -9.35 24.56
C VAL A 131 -0.73 -9.20 23.27
N VAL A 132 -0.44 -8.15 22.52
CA VAL A 132 -1.13 -7.87 21.28
C VAL A 132 -0.24 -8.01 20.05
N CYS A 133 -0.83 -8.45 18.96
CA CYS A 133 -0.08 -8.66 17.74
C CYS A 133 -0.96 -8.24 16.56
N PHE A 134 -0.48 -7.26 15.79
CA PHE A 134 -1.21 -6.76 14.62
C PHE A 134 -0.68 -7.34 13.31
N LEU A 135 -1.62 -7.77 12.45
CA LEU A 135 -1.29 -8.30 11.13
C LEU A 135 -2.07 -7.38 10.19
N ASN A 136 -1.44 -6.28 9.79
CA ASN A 136 -2.10 -5.30 8.97
C ASN A 136 -1.86 -5.31 7.47
N ASN A 137 -2.86 -4.85 6.75
CA ASN A 137 -2.82 -4.71 5.31
C ASN A 137 -2.29 -5.88 4.50
N PHE A 138 -2.97 -7.03 4.54
CA PHE A 138 -2.52 -8.17 3.75
C PHE A 138 -3.58 -8.58 2.73
N TYR A 139 -3.22 -9.52 1.85
CA TYR A 139 -4.14 -10.00 0.82
C TYR A 139 -3.59 -11.26 0.13
N PRO A 140 -4.42 -12.31 -0.03
CA PRO A 140 -5.84 -12.46 0.33
C PRO A 140 -6.15 -12.42 1.84
N LYS A 141 -7.44 -12.61 2.15
CA LYS A 141 -8.00 -12.60 3.49
C LYS A 141 -7.58 -13.79 4.38
N ASP A 142 -7.22 -14.90 3.75
CA ASP A 142 -6.81 -16.08 4.49
C ASP A 142 -5.49 -15.86 5.21
N ILE A 143 -5.50 -16.02 6.53
CA ILE A 143 -4.28 -15.83 7.31
C ILE A 143 -4.33 -16.64 8.59
N ASN A 144 -3.17 -17.11 9.03
CA ASN A 144 -3.09 -17.91 10.25
C ASN A 144 -2.06 -17.39 11.25
N VAL A 145 -2.49 -17.16 12.49
CA VAL A 145 -1.60 -16.66 13.53
C VAL A 145 -1.38 -17.72 14.62
N LYS A 146 -0.15 -17.82 15.10
CA LYS A 146 0.21 -18.78 16.13
C LYS A 146 1.00 -18.06 17.22
N TRP A 147 0.71 -18.38 18.48
CA TRP A 147 1.41 -17.77 19.61
C TRP A 147 2.31 -18.82 20.27
N LYS A 148 3.50 -18.37 20.70
CA LYS A 148 4.46 -19.23 21.39
C LYS A 148 5.03 -18.49 22.59
N ILE A 149 5.17 -19.18 23.71
CA ILE A 149 5.74 -18.60 24.92
C ILE A 149 6.96 -19.43 25.25
N ASP A 150 8.13 -18.81 25.25
CA ASP A 150 9.37 -19.50 25.50
C ASP A 150 9.47 -20.70 24.54
N GLY A 151 9.10 -20.45 23.29
CA GLY A 151 9.17 -21.48 22.27
C GLY A 151 8.10 -22.53 22.32
N SER A 152 7.14 -22.42 23.22
CA SER A 152 6.09 -23.42 23.29
C SER A 152 4.75 -22.82 22.87
N GLU A 153 4.14 -23.41 21.83
CA GLU A 153 2.86 -22.97 21.30
C GLU A 153 1.81 -22.91 22.41
N ARG A 154 0.91 -21.92 22.32
CA ARG A 154 -0.13 -21.73 23.33
C ARG A 154 -1.43 -21.31 22.66
N GLN A 155 -2.48 -22.11 22.84
CA GLN A 155 -3.79 -21.80 22.25
C GLN A 155 -4.71 -21.05 23.20
N ASN A 156 -4.88 -21.58 24.39
CA ASN A 156 -5.75 -20.96 25.38
C ASN A 156 -5.40 -19.50 25.66
N GLY A 157 -6.43 -18.67 25.81
CA GLY A 157 -6.21 -17.27 26.12
C GLY A 157 -5.96 -16.37 24.93
N VAL A 158 -6.26 -16.86 23.74
CA VAL A 158 -6.05 -16.10 22.52
C VAL A 158 -7.37 -15.65 21.90
N LEU A 159 -7.53 -14.34 21.73
CA LEU A 159 -8.74 -13.80 21.11
C LEU A 159 -8.36 -13.04 19.85
N ASN A 160 -9.10 -13.27 18.76
CA ASN A 160 -8.81 -12.60 17.48
C ASN A 160 -9.97 -11.80 16.94
N SER A 161 -9.66 -10.78 16.15
CA SER A 161 -10.69 -9.93 15.55
C SER A 161 -10.24 -9.59 14.13
N TRP A 162 -11.16 -9.61 13.18
CA TRP A 162 -10.82 -9.34 11.77
C TRP A 162 -11.60 -8.15 11.19
N THR A 163 -10.92 -7.27 10.49
CA THR A 163 -11.61 -6.14 9.89
C THR A 163 -12.14 -6.58 8.53
N ASP A 164 -13.07 -5.81 7.97
CA ASP A 164 -13.61 -6.15 6.66
C ASP A 164 -12.66 -5.56 5.62
N GLN A 165 -12.78 -5.97 4.36
CA GLN A 165 -11.91 -5.44 3.32
C GLN A 165 -11.94 -3.91 3.32
N ASP A 166 -10.77 -3.29 3.28
CA ASP A 166 -10.66 -1.83 3.27
C ASP A 166 -11.27 -1.23 2.00
N SER A 167 -12.05 -0.17 2.14
CA SER A 167 -12.68 0.45 0.98
C SER A 167 -11.72 1.30 0.16
N LYS A 168 -10.51 1.50 0.66
CA LYS A 168 -9.53 2.30 -0.09
C LYS A 168 -8.43 1.46 -0.73
N ASP A 169 -7.76 0.63 0.06
CA ASP A 169 -6.65 -0.19 -0.44
C ASP A 169 -7.02 -1.67 -0.64
N SER A 170 -8.27 -2.00 -0.34
CA SER A 170 -8.77 -3.37 -0.49
C SER A 170 -7.98 -4.47 0.26
N THR A 171 -7.25 -4.08 1.29
CA THR A 171 -6.49 -5.06 2.07
C THR A 171 -7.31 -5.52 3.27
N TYR A 172 -6.72 -6.42 4.05
CA TYR A 172 -7.35 -6.95 5.27
C TYR A 172 -6.41 -6.78 6.44
N SER A 173 -6.97 -6.73 7.65
CA SER A 173 -6.14 -6.58 8.84
C SER A 173 -6.68 -7.43 9.97
N MET A 174 -5.77 -7.94 10.79
CA MET A 174 -6.13 -8.79 11.90
C MET A 174 -5.45 -8.35 13.19
N SER A 175 -6.11 -8.61 14.31
CA SER A 175 -5.58 -8.28 15.64
C SER A 175 -5.71 -9.53 16.51
N SER A 176 -4.61 -9.97 17.10
CA SER A 176 -4.64 -11.14 17.97
C SER A 176 -4.14 -10.75 19.35
N THR A 177 -4.90 -11.10 20.38
CA THR A 177 -4.52 -10.78 21.74
C THR A 177 -4.36 -12.03 22.61
N LEU A 178 -3.23 -12.12 23.29
CA LEU A 178 -2.93 -13.23 24.19
C LEU A 178 -3.06 -12.73 25.63
N THR A 179 -4.15 -13.05 26.31
CA THR A 179 -4.29 -12.59 27.68
C THR A 179 -3.87 -13.66 28.71
N LEU A 180 -3.06 -13.24 29.66
CA LEU A 180 -2.54 -14.11 30.71
C LEU A 180 -2.64 -13.36 32.02
N THR A 181 -2.39 -14.08 33.11
CA THR A 181 -2.42 -13.45 34.43
C THR A 181 -1.06 -12.80 34.57
N LYS A 182 -0.95 -11.80 35.44
CA LYS A 182 0.34 -11.15 35.61
C LYS A 182 1.40 -12.17 35.99
N ASP A 183 1.03 -13.11 36.87
CA ASP A 183 2.00 -14.12 37.30
C ASP A 183 2.53 -14.97 36.17
N GLU A 184 1.64 -15.44 35.30
CA GLU A 184 2.03 -16.26 34.16
C GLU A 184 3.00 -15.51 33.25
N TYR A 185 2.64 -14.28 32.90
CA TYR A 185 3.48 -13.45 32.05
C TYR A 185 4.89 -13.28 32.61
N GLU A 186 4.98 -13.17 33.93
CA GLU A 186 6.27 -12.98 34.59
C GLU A 186 7.09 -14.27 34.75
N ARG A 187 6.50 -15.40 34.41
CA ARG A 187 7.21 -16.68 34.52
C ARG A 187 8.08 -16.93 33.28
N HIS A 188 7.66 -16.39 32.15
CA HIS A 188 8.38 -16.59 30.90
C HIS A 188 9.07 -15.36 30.35
N ASN A 189 10.07 -15.57 29.51
CA ASN A 189 10.84 -14.48 28.92
C ASN A 189 10.44 -14.04 27.51
N SER A 190 10.41 -14.96 26.56
CA SER A 190 10.07 -14.59 25.18
C SER A 190 8.65 -14.90 24.71
N TYR A 191 8.03 -13.92 24.07
CA TYR A 191 6.67 -14.08 23.54
C TYR A 191 6.69 -13.88 22.02
N THR A 192 6.15 -14.84 21.29
CA THR A 192 6.19 -14.81 19.83
C THR A 192 4.87 -15.05 19.12
N CYS A 193 4.56 -14.22 18.12
CA CYS A 193 3.37 -14.44 17.31
C CYS A 193 3.89 -14.63 15.90
N GLU A 194 3.46 -15.71 15.28
CA GLU A 194 3.87 -16.03 13.93
C GLU A 194 2.68 -15.96 13.00
N ALA A 195 2.90 -15.38 11.83
CA ALA A 195 1.87 -15.23 10.81
C ALA A 195 2.15 -16.14 9.60
N THR A 196 1.15 -16.91 9.21
CA THR A 196 1.23 -17.81 8.07
C THR A 196 0.29 -17.30 6.97
N HIS A 197 0.85 -16.98 5.80
CA HIS A 197 0.06 -16.44 4.72
C HIS A 197 0.56 -16.85 3.33
N LYS A 198 -0.40 -16.97 2.42
CA LYS A 198 -0.17 -17.34 1.03
C LYS A 198 1.11 -16.78 0.40
N THR A 199 1.43 -15.54 0.75
CA THR A 199 2.60 -14.84 0.22
C THR A 199 3.98 -15.45 0.51
N SER A 200 4.04 -16.50 1.33
CA SER A 200 5.32 -17.16 1.63
C SER A 200 5.20 -18.47 2.41
N THR A 201 6.17 -19.36 2.19
CA THR A 201 6.22 -20.66 2.86
C THR A 201 6.73 -20.53 4.29
N SER A 202 7.57 -19.53 4.53
CA SER A 202 8.11 -19.31 5.86
C SER A 202 7.26 -18.25 6.57
N PRO A 203 6.86 -18.52 7.82
CA PRO A 203 6.04 -17.59 8.60
C PRO A 203 6.77 -16.30 8.96
N ILE A 204 6.00 -15.25 9.17
CA ILE A 204 6.55 -13.95 9.56
C ILE A 204 6.63 -14.00 11.08
N VAL A 205 7.83 -13.88 11.63
CA VAL A 205 8.04 -13.97 13.07
C VAL A 205 8.28 -12.66 13.81
N LYS A 206 7.50 -12.42 14.85
CA LYS A 206 7.64 -11.22 15.66
C LYS A 206 7.71 -11.66 17.10
N SER A 207 8.74 -11.20 17.81
CA SER A 207 8.91 -11.61 19.19
C SER A 207 9.63 -10.58 20.03
N PHE A 208 9.60 -10.79 21.34
CA PHE A 208 10.28 -9.91 22.28
C PHE A 208 10.54 -10.71 23.55
N ASN A 209 11.47 -10.21 24.36
CA ASN A 209 11.84 -10.88 25.61
C ASN A 209 11.85 -9.87 26.75
N ARG A 210 11.72 -10.37 27.98
CA ARG A 210 11.73 -9.52 29.17
C ARG A 210 13.14 -9.40 29.77
N ALA B 1 -40.83 9.14 1.39
CA ALA B 1 -42.06 8.41 0.93
C ALA B 1 -42.40 7.30 1.90
N VAL B 2 -42.37 6.06 1.42
CA VAL B 2 -42.64 4.90 2.27
C VAL B 2 -41.54 4.87 3.31
N GLN B 3 -41.92 4.96 4.59
CA GLN B 3 -40.96 4.97 5.67
C GLN B 3 -41.20 3.94 6.77
N LEU B 4 -40.14 3.27 7.19
CA LEU B 4 -40.22 2.28 8.25
C LEU B 4 -39.18 2.55 9.34
N SER B 5 -39.61 3.16 10.44
CA SER B 5 -38.71 3.50 11.53
C SER B 5 -38.85 2.54 12.73
N GLN B 6 -37.74 1.92 13.13
CA GLN B 6 -37.76 0.96 14.24
C GLN B 6 -37.19 1.51 15.54
N SER B 7 -37.60 0.92 16.66
CA SER B 7 -37.14 1.34 17.97
C SER B 7 -35.61 1.25 18.08
N GLY B 8 -35.06 1.76 19.17
CA GLY B 8 -33.62 1.74 19.35
C GLY B 8 -33.08 0.48 20.00
N THR B 9 -31.76 0.38 20.04
CA THR B 9 -31.06 -0.75 20.63
C THR B 9 -31.66 -1.15 21.98
N VAL B 10 -31.85 -2.45 22.17
CA VAL B 10 -32.41 -2.96 23.41
C VAL B 10 -31.44 -3.91 24.10
N LEU B 11 -31.33 -3.77 25.42
CA LEU B 11 -30.47 -4.63 26.22
C LEU B 11 -31.38 -5.39 27.20
N ALA B 12 -31.18 -6.71 27.30
CA ALA B 12 -31.99 -7.53 28.20
C ALA B 12 -31.21 -8.68 28.81
N ARG B 13 -31.62 -9.08 30.02
CA ARG B 13 -30.97 -10.17 30.73
C ARG B 13 -31.59 -11.49 30.28
N PRO B 14 -30.84 -12.59 30.36
CA PRO B 14 -31.39 -13.89 29.94
C PRO B 14 -32.69 -14.17 30.67
N GLY B 15 -33.57 -14.93 30.02
CA GLY B 15 -34.85 -15.26 30.63
C GLY B 15 -35.89 -14.17 30.48
N ALA B 16 -35.45 -12.91 30.46
CA ALA B 16 -36.35 -11.77 30.35
C ALA B 16 -37.12 -11.73 29.04
N SER B 17 -37.86 -10.65 28.84
CA SER B 17 -38.66 -10.49 27.64
C SER B 17 -38.57 -9.04 27.17
N VAL B 18 -38.71 -8.83 25.87
CA VAL B 18 -38.66 -7.48 25.31
C VAL B 18 -39.68 -7.31 24.20
N LYS B 19 -39.98 -6.05 23.87
CA LYS B 19 -40.93 -5.76 22.81
C LYS B 19 -40.45 -4.53 22.03
N MET B 20 -40.13 -4.72 20.75
CA MET B 20 -39.64 -3.63 19.91
C MET B 20 -40.71 -3.24 18.91
N SER B 21 -40.59 -2.03 18.37
CA SER B 21 -41.56 -1.51 17.41
C SER B 21 -41.02 -1.15 16.04
N CYS B 22 -41.96 -0.92 15.11
CA CYS B 22 -41.67 -0.54 13.73
C CYS B 22 -42.80 0.40 13.32
N LYS B 23 -42.46 1.68 13.18
CA LYS B 23 -43.43 2.73 12.81
C LYS B 23 -43.45 2.99 11.29
N ALA B 24 -44.56 2.63 10.65
CA ALA B 24 -44.69 2.82 9.20
C ALA B 24 -45.39 4.14 8.86
N SER B 25 -45.04 4.71 7.70
CA SER B 25 -45.62 5.96 7.25
C SER B 25 -45.37 6.17 5.75
N GLY B 26 -46.34 6.76 5.07
CA GLY B 26 -46.19 7.00 3.64
C GLY B 26 -47.04 6.08 2.78
N TYR B 27 -47.84 5.24 3.45
CA TYR B 27 -48.70 4.29 2.76
C TYR B 27 -49.79 3.76 3.69
N THR B 28 -50.79 3.09 3.11
CA THR B 28 -51.90 2.52 3.87
C THR B 28 -51.42 1.35 4.72
N PHE B 29 -51.10 1.63 5.98
CA PHE B 29 -50.62 0.62 6.90
C PHE B 29 -51.41 -0.68 6.86
N THR B 30 -52.71 -0.59 6.61
CA THR B 30 -53.56 -1.78 6.58
C THR B 30 -53.65 -2.48 5.23
N SER B 31 -52.87 -2.01 4.24
CA SER B 31 -52.88 -2.63 2.92
C SER B 31 -51.73 -3.61 2.71
N TYR B 32 -50.75 -3.61 3.62
CA TYR B 32 -49.59 -4.48 3.52
C TYR B 32 -49.40 -5.42 4.70
N TRP B 33 -48.55 -6.42 4.50
CA TRP B 33 -48.22 -7.37 5.57
C TRP B 33 -46.95 -6.81 6.20
N MET B 34 -46.81 -6.93 7.51
CA MET B 34 -45.60 -6.44 8.15
C MET B 34 -44.81 -7.67 8.59
N HIS B 35 -43.67 -7.87 7.95
CA HIS B 35 -42.80 -9.00 8.24
C HIS B 35 -41.64 -8.63 9.14
N TRP B 36 -41.09 -9.63 9.82
CA TRP B 36 -39.95 -9.43 10.69
C TRP B 36 -38.88 -10.47 10.37
N VAL B 37 -37.65 -9.99 10.20
CA VAL B 37 -36.53 -10.86 9.88
C VAL B 37 -35.43 -10.69 10.90
N LYS B 38 -34.72 -11.78 11.19
CA LYS B 38 -33.65 -11.79 12.15
C LYS B 38 -32.29 -12.02 11.49
N GLN B 39 -31.24 -11.48 12.11
CA GLN B 39 -29.89 -11.67 11.60
C GLN B 39 -28.90 -11.55 12.74
N ARG B 40 -28.20 -12.64 13.00
CA ARG B 40 -27.21 -12.64 14.07
C ARG B 40 -25.87 -12.16 13.52
N PRO B 41 -24.96 -11.71 14.41
CA PRO B 41 -23.66 -11.23 13.99
C PRO B 41 -23.00 -12.17 12.98
N GLY B 42 -22.69 -11.62 11.80
CA GLY B 42 -22.04 -12.39 10.76
C GLY B 42 -22.89 -13.51 10.17
N GLN B 43 -24.17 -13.56 10.53
CA GLN B 43 -25.07 -14.57 10.02
C GLN B 43 -25.90 -14.02 8.87
N GLY B 44 -26.79 -14.87 8.35
CA GLY B 44 -27.64 -14.45 7.26
C GLY B 44 -28.98 -13.97 7.75
N LEU B 45 -29.92 -13.81 6.82
CA LEU B 45 -31.27 -13.35 7.16
C LEU B 45 -32.17 -14.54 7.42
N GLU B 46 -32.97 -14.44 8.48
CA GLU B 46 -33.90 -15.50 8.83
C GLU B 46 -35.28 -14.91 9.05
N TRP B 47 -36.24 -15.41 8.28
CA TRP B 47 -37.62 -14.95 8.37
C TRP B 47 -38.24 -15.39 9.69
N ILE B 48 -38.93 -14.47 10.35
CA ILE B 48 -39.58 -14.77 11.62
C ILE B 48 -41.07 -14.98 11.43
N GLY B 49 -41.73 -14.01 10.81
CA GLY B 49 -43.15 -14.10 10.61
C GLY B 49 -43.73 -12.77 10.16
N ALA B 50 -45.05 -12.71 10.01
CA ALA B 50 -45.72 -11.50 9.56
C ALA B 50 -47.15 -11.40 10.11
N ILE B 51 -47.74 -10.23 9.95
CA ILE B 51 -49.10 -9.97 10.42
C ILE B 51 -49.78 -8.97 9.49
N TYR B 52 -51.09 -9.13 9.29
CA TYR B 52 -51.84 -8.23 8.44
C TYR B 52 -52.60 -7.24 9.32
N PRO B 53 -52.07 -6.04 9.51
CA PRO B 53 -52.71 -5.02 10.34
C PRO B 53 -54.21 -4.87 10.08
N GLY B 54 -54.60 -5.05 8.81
CA GLY B 54 -55.98 -4.93 8.43
C GLY B 54 -56.92 -5.76 9.28
N ASN B 55 -56.77 -7.08 9.25
CA ASN B 55 -57.65 -7.96 10.02
C ASN B 55 -56.94 -8.62 11.19
N SER B 56 -55.61 -8.49 11.24
CA SER B 56 -54.78 -9.05 12.31
C SER B 56 -54.26 -10.48 12.05
N ASP B 57 -54.42 -10.98 10.83
CA ASP B 57 -53.92 -12.32 10.50
C ASP B 57 -52.42 -12.36 10.72
N THR B 58 -51.89 -13.54 11.06
CA THR B 58 -50.46 -13.66 11.27
C THR B 58 -49.97 -15.01 10.80
N SER B 59 -48.73 -15.06 10.31
CA SER B 59 -48.12 -16.28 9.83
C SER B 59 -46.75 -16.34 10.48
N TYR B 60 -46.40 -17.47 11.07
CA TYR B 60 -45.10 -17.58 11.72
C TYR B 60 -44.22 -18.67 11.18
N ASN B 61 -42.91 -18.48 11.34
CA ASN B 61 -41.93 -19.47 10.95
C ASN B 61 -41.92 -20.40 12.15
N GLN B 62 -42.52 -21.57 11.99
CA GLN B 62 -42.60 -22.56 13.06
C GLN B 62 -41.54 -22.43 14.14
N LYS B 63 -40.28 -22.30 13.73
CA LYS B 63 -39.19 -22.15 14.68
C LYS B 63 -39.43 -21.07 15.72
N PHE B 64 -40.08 -19.98 15.33
CA PHE B 64 -40.31 -18.87 16.26
C PHE B 64 -41.58 -18.89 17.10
N LYS B 65 -42.45 -19.86 16.87
CA LYS B 65 -43.67 -19.94 17.66
C LYS B 65 -43.30 -20.28 19.11
N GLY B 66 -43.62 -19.35 20.02
CA GLY B 66 -43.28 -19.56 21.42
C GLY B 66 -42.10 -18.68 21.84
N LYS B 67 -41.55 -17.97 20.86
CA LYS B 67 -40.43 -17.08 21.09
C LYS B 67 -40.82 -15.67 20.64
N ALA B 68 -41.47 -15.59 19.48
CA ALA B 68 -41.89 -14.30 18.95
C ALA B 68 -43.41 -14.20 18.87
N LYS B 69 -43.90 -12.99 19.15
CA LYS B 69 -45.32 -12.69 19.14
C LYS B 69 -45.49 -11.38 18.38
N LEU B 70 -46.23 -11.42 17.27
CA LEU B 70 -46.45 -10.23 16.47
C LEU B 70 -47.76 -9.53 16.81
N THR B 71 -47.76 -8.21 16.74
CA THR B 71 -48.95 -7.41 17.03
C THR B 71 -48.93 -6.14 16.21
N ALA B 72 -50.03 -5.39 16.25
CA ALA B 72 -50.11 -4.14 15.49
C ALA B 72 -51.14 -3.20 16.09
N VAL B 73 -51.01 -1.92 15.77
CA VAL B 73 -51.95 -0.91 16.24
C VAL B 73 -52.29 0.03 15.10
N THR B 74 -53.35 -0.31 14.38
CA THR B 74 -53.79 0.47 13.24
C THR B 74 -53.93 1.96 13.56
N SER B 75 -54.42 2.26 14.76
CA SER B 75 -54.61 3.64 15.18
C SER B 75 -53.29 4.41 15.27
N ALA B 76 -52.18 3.70 15.42
CA ALA B 76 -50.87 4.33 15.52
C ALA B 76 -49.96 3.89 14.38
N SER B 77 -50.49 3.10 13.45
CA SER B 77 -49.73 2.58 12.31
C SER B 77 -48.35 2.10 12.76
N THR B 78 -48.34 1.20 13.74
CA THR B 78 -47.10 0.65 14.28
C THR B 78 -47.20 -0.85 14.50
N ALA B 79 -46.13 -1.55 14.16
CA ALA B 79 -46.05 -3.00 14.32
C ALA B 79 -45.21 -3.30 15.55
N TYR B 80 -45.53 -4.40 16.22
CA TYR B 80 -44.80 -4.78 17.43
C TYR B 80 -44.47 -6.26 17.43
N MET B 81 -43.29 -6.58 17.95
CA MET B 81 -42.86 -7.96 18.06
C MET B 81 -42.33 -8.13 19.46
N GLU B 82 -42.73 -9.21 20.10
CA GLU B 82 -42.28 -9.49 21.45
C GLU B 82 -41.49 -10.78 21.49
N LEU B 83 -40.29 -10.72 22.06
CA LEU B 83 -39.46 -11.91 22.17
C LEU B 83 -39.45 -12.29 23.64
N SER B 84 -39.65 -13.58 23.93
CA SER B 84 -39.69 -14.05 25.30
C SER B 84 -38.64 -15.12 25.60
N SER B 85 -38.40 -15.36 26.89
CA SER B 85 -37.44 -16.37 27.32
C SER B 85 -36.07 -16.10 26.69
N LEU B 86 -35.74 -14.83 26.53
CA LEU B 86 -34.49 -14.43 25.92
C LEU B 86 -33.27 -15.27 26.33
N THR B 87 -32.40 -15.54 25.36
CA THR B 87 -31.19 -16.31 25.57
C THR B 87 -30.07 -15.67 24.74
N ASN B 88 -28.86 -16.20 24.83
CA ASN B 88 -27.77 -15.63 24.06
C ASN B 88 -28.02 -15.74 22.56
N GLU B 89 -28.65 -16.85 22.16
CA GLU B 89 -28.97 -17.07 20.75
C GLU B 89 -29.95 -16.04 20.23
N ASP B 90 -30.50 -15.21 21.12
CA ASP B 90 -31.47 -14.18 20.74
C ASP B 90 -30.83 -12.83 20.43
N SER B 91 -29.55 -12.70 20.73
CA SER B 91 -28.83 -11.45 20.47
C SER B 91 -28.61 -11.34 18.97
N ALA B 92 -29.20 -10.33 18.35
CA ALA B 92 -29.09 -10.14 16.93
C ALA B 92 -29.72 -8.83 16.52
N VAL B 93 -29.77 -8.59 15.21
CA VAL B 93 -30.39 -7.41 14.65
C VAL B 93 -31.71 -7.85 14.03
N TYR B 94 -32.78 -7.10 14.31
CA TYR B 94 -34.11 -7.44 13.78
C TYR B 94 -34.62 -6.37 12.84
N TYR B 95 -35.01 -6.80 11.64
CA TYR B 95 -35.52 -5.86 10.65
C TYR B 95 -37.02 -6.05 10.45
N CYS B 96 -37.70 -4.99 10.04
CA CYS B 96 -39.11 -5.08 9.71
C CYS B 96 -39.17 -4.64 8.25
N THR B 97 -40.01 -5.30 7.48
CA THR B 97 -40.16 -4.97 6.08
C THR B 97 -41.63 -5.21 5.72
N ARG B 98 -42.07 -4.77 4.55
CA ARG B 98 -43.46 -4.94 4.16
C ARG B 98 -43.62 -5.82 2.94
N TRP B 99 -44.80 -6.41 2.81
CA TRP B 99 -45.14 -7.28 1.69
C TRP B 99 -46.58 -6.94 1.36
N PRO B 100 -46.87 -6.71 0.08
CA PRO B 100 -48.20 -6.36 -0.45
C PRO B 100 -49.29 -7.40 -0.25
N HIS B 101 -50.53 -6.94 -0.26
CA HIS B 101 -51.68 -7.84 -0.14
C HIS B 101 -51.95 -8.26 -1.59
N TYR B 102 -52.40 -9.50 -1.79
CA TYR B 102 -52.64 -9.97 -3.15
C TYR B 102 -53.71 -9.17 -3.92
N TYR B 103 -53.36 -8.78 -5.15
CA TYR B 103 -54.27 -8.04 -6.00
C TYR B 103 -53.84 -8.23 -7.45
N GLY B 104 -53.47 -9.45 -7.79
CA GLY B 104 -53.05 -9.76 -9.15
C GLY B 104 -51.66 -9.22 -9.45
N GLY B 105 -51.08 -9.70 -10.55
CA GLY B 105 -49.76 -9.26 -10.91
C GLY B 105 -48.67 -10.09 -10.28
N SER B 106 -47.43 -9.59 -10.34
CA SER B 106 -46.27 -10.29 -9.83
C SER B 106 -45.43 -9.44 -8.91
N ARG B 107 -45.89 -8.23 -8.64
CA ARG B 107 -45.14 -7.32 -7.77
C ARG B 107 -45.28 -7.64 -6.30
N TYR B 108 -44.64 -8.73 -5.87
CA TYR B 108 -44.67 -9.13 -4.48
C TYR B 108 -43.23 -9.29 -4.02
N TYR B 109 -42.89 -8.49 -3.01
CA TYR B 109 -41.52 -8.46 -2.50
C TYR B 109 -41.39 -7.63 -1.24
N PHE B 110 -40.16 -7.56 -0.74
CA PHE B 110 -39.84 -6.77 0.44
C PHE B 110 -39.14 -5.52 -0.07
N ASP B 111 -39.93 -4.61 -0.65
CA ASP B 111 -39.37 -3.40 -1.22
C ASP B 111 -38.82 -2.39 -0.22
N TYR B 112 -39.40 -2.30 0.97
CA TYR B 112 -38.90 -1.37 1.96
C TYR B 112 -38.58 -2.06 3.29
N TRP B 113 -37.43 -1.69 3.86
CA TRP B 113 -36.99 -2.26 5.14
C TRP B 113 -36.73 -1.19 6.21
N GLY B 114 -36.73 -1.61 7.48
CA GLY B 114 -36.44 -0.68 8.56
C GLY B 114 -34.93 -0.66 8.72
N GLN B 115 -34.39 0.29 9.50
CA GLN B 115 -32.94 0.33 9.67
C GLN B 115 -32.43 -0.80 10.55
N GLY B 116 -33.34 -1.43 11.30
CA GLY B 116 -32.92 -2.54 12.16
C GLY B 116 -32.75 -2.15 13.61
N THR B 117 -33.27 -2.99 14.49
CA THR B 117 -33.18 -2.77 15.93
C THR B 117 -32.21 -3.80 16.51
N THR B 118 -31.15 -3.33 17.15
CA THR B 118 -30.19 -4.26 17.71
C THR B 118 -30.60 -4.70 19.11
N LEU B 119 -30.55 -6.00 19.35
CA LEU B 119 -30.91 -6.54 20.64
C LEU B 119 -29.74 -7.33 21.17
N THR B 120 -29.35 -7.03 22.41
CA THR B 120 -28.24 -7.70 23.05
C THR B 120 -28.72 -8.29 24.36
N VAL B 121 -28.57 -9.61 24.51
CA VAL B 121 -28.99 -10.32 25.69
C VAL B 121 -27.76 -10.60 26.54
N SER B 122 -27.68 -9.95 27.69
CA SER B 122 -26.53 -10.12 28.59
C SER B 122 -26.89 -9.86 30.05
N SER B 123 -26.10 -10.41 30.97
CA SER B 123 -26.32 -10.22 32.40
C SER B 123 -25.34 -9.18 32.93
N ALA B 124 -24.38 -8.79 32.11
CA ALA B 124 -23.39 -7.80 32.51
C ALA B 124 -24.03 -6.45 32.78
N LYS B 125 -23.41 -5.68 33.67
CA LYS B 125 -23.89 -4.35 34.03
C LYS B 125 -22.97 -3.30 33.42
N THR B 126 -23.47 -2.08 33.26
CA THR B 126 -22.70 -0.98 32.71
C THR B 126 -21.30 -0.95 33.31
N THR B 127 -20.31 -1.07 32.45
CA THR B 127 -18.91 -1.08 32.88
C THR B 127 -18.00 -0.21 32.02
N ALA B 128 -17.32 0.72 32.67
CA ALA B 128 -16.38 1.62 32.00
C ALA B 128 -15.16 0.81 31.62
N PRO B 129 -14.61 1.07 30.42
CA PRO B 129 -13.43 0.36 29.92
C PRO B 129 -12.11 0.79 30.54
N SER B 130 -11.14 -0.12 30.49
CA SER B 130 -9.78 0.18 30.94
C SER B 130 -9.04 0.46 29.64
N VAL B 131 -8.20 1.49 29.62
CA VAL B 131 -7.49 1.82 28.40
C VAL B 131 -6.00 1.63 28.61
N TYR B 132 -5.37 0.82 27.76
CA TYR B 132 -3.94 0.56 27.88
C TYR B 132 -3.15 0.93 26.61
N PRO B 133 -2.06 1.69 26.78
CA PRO B 133 -1.28 2.08 25.62
C PRO B 133 -0.39 0.91 25.18
N LEU B 134 -0.15 0.83 23.87
CA LEU B 134 0.69 -0.20 23.33
C LEU B 134 1.90 0.47 22.69
N ALA B 135 3.00 0.52 23.44
CA ALA B 135 4.25 1.14 22.97
C ALA B 135 5.01 0.04 22.23
N PRO B 136 5.64 0.40 21.10
CA PRO B 136 6.42 -0.52 20.25
C PRO B 136 7.74 -1.02 20.81
N VAL B 137 8.18 -2.17 20.29
CA VAL B 137 9.46 -2.76 20.66
C VAL B 137 10.23 -3.06 19.37
N CYS B 138 11.56 -3.21 19.47
CA CYS B 138 12.39 -3.48 18.32
C CYS B 138 11.73 -4.53 17.43
N GLY B 139 11.48 -4.17 16.18
CA GLY B 139 10.83 -5.08 15.25
C GLY B 139 9.45 -4.59 14.82
N ASP B 140 8.93 -3.61 15.56
CA ASP B 140 7.61 -3.07 15.26
C ASP B 140 7.68 -1.96 14.22
N THR B 141 8.76 -1.95 13.45
CA THR B 141 8.94 -0.95 12.42
C THR B 141 8.96 -1.63 11.04
N THR B 142 8.37 -0.97 10.04
CA THR B 142 8.35 -1.55 8.69
C THR B 142 8.48 -0.42 7.69
N GLY B 143 9.46 -0.54 6.81
CA GLY B 143 9.69 0.53 5.85
C GLY B 143 10.16 1.70 6.71
N SER B 144 9.66 2.89 6.43
CA SER B 144 10.06 4.08 7.19
C SER B 144 8.99 4.45 8.22
N SER B 145 8.15 3.48 8.57
CA SER B 145 7.08 3.73 9.53
C SER B 145 7.06 2.78 10.72
N VAL B 146 6.51 3.28 11.82
CA VAL B 146 6.39 2.52 13.07
C VAL B 146 4.91 2.34 13.41
N THR B 147 4.58 1.27 14.13
CA THR B 147 3.19 1.02 14.50
C THR B 147 3.00 1.12 16.00
N LEU B 148 1.93 1.79 16.40
CA LEU B 148 1.54 2.01 17.79
C LEU B 148 0.17 1.38 17.99
N GLY B 149 -0.23 1.21 19.26
CA GLY B 149 -1.50 0.58 19.56
C GLY B 149 -2.18 1.04 20.84
N CYS B 150 -3.45 0.66 20.94
CA CYS B 150 -4.30 1.02 22.08
C CYS B 150 -5.21 -0.16 22.36
N LEU B 151 -5.36 -0.51 23.63
CA LEU B 151 -6.19 -1.65 24.01
C LEU B 151 -7.29 -1.22 24.97
N VAL B 152 -8.53 -1.43 24.58
CA VAL B 152 -9.69 -1.07 25.38
C VAL B 152 -10.28 -2.37 25.92
N LYS B 153 -10.22 -2.56 27.23
CA LYS B 153 -10.68 -3.83 27.80
C LYS B 153 -11.70 -3.78 28.94
N GLY B 154 -12.57 -4.79 28.94
CA GLY B 154 -13.58 -4.92 29.97
C GLY B 154 -14.68 -3.88 30.10
N TYR B 155 -15.36 -3.56 29.01
CA TYR B 155 -16.44 -2.59 29.08
C TYR B 155 -17.77 -3.19 28.62
N PHE B 156 -18.85 -2.49 28.94
CA PHE B 156 -20.19 -2.91 28.55
C PHE B 156 -21.16 -1.74 28.76
N PRO B 157 -22.07 -1.50 27.81
CA PRO B 157 -22.23 -2.27 26.57
C PRO B 157 -21.48 -1.51 25.49
N GLU B 158 -21.71 -1.90 24.24
CA GLU B 158 -21.12 -1.25 23.09
C GLU B 158 -21.94 0.02 22.90
N PRO B 159 -21.38 1.03 22.21
CA PRO B 159 -20.05 1.02 21.63
C PRO B 159 -19.09 1.93 22.38
N VAL B 160 -17.91 2.10 21.79
CA VAL B 160 -16.90 2.99 22.33
C VAL B 160 -16.39 3.75 21.12
N THR B 161 -16.07 5.02 21.31
CA THR B 161 -15.52 5.84 20.25
C THR B 161 -14.03 5.95 20.49
N LEU B 162 -13.24 5.49 19.53
CA LEU B 162 -11.79 5.56 19.66
C LEU B 162 -11.20 6.40 18.53
N THR B 163 -10.47 7.45 18.90
CA THR B 163 -9.80 8.30 17.92
C THR B 163 -8.34 8.48 18.32
N TRP B 164 -7.54 9.00 17.40
CA TRP B 164 -6.14 9.24 17.70
C TRP B 164 -5.85 10.74 17.65
N ASN B 165 -5.23 11.26 18.71
CA ASN B 165 -4.88 12.68 18.79
C ASN B 165 -6.08 13.60 18.56
N SER B 166 -7.20 13.25 19.21
CA SER B 166 -8.44 14.01 19.14
C SER B 166 -9.13 13.95 17.80
N GLY B 167 -8.70 13.04 16.93
CA GLY B 167 -9.31 12.93 15.63
C GLY B 167 -8.46 13.42 14.47
N SER B 168 -7.42 14.19 14.76
CA SER B 168 -6.55 14.72 13.70
C SER B 168 -5.71 13.65 12.99
N LEU B 169 -5.42 12.56 13.68
CA LEU B 169 -4.66 11.45 13.10
C LEU B 169 -5.67 10.36 12.77
N SER B 170 -6.07 10.30 11.51
CA SER B 170 -7.07 9.36 11.05
C SER B 170 -6.58 8.39 9.98
N SER B 171 -5.54 8.77 9.25
CA SER B 171 -5.04 7.87 8.22
C SER B 171 -4.03 6.91 8.86
N GLY B 172 -3.93 5.70 8.30
CA GLY B 172 -3.02 4.71 8.82
C GLY B 172 -3.52 4.08 10.11
N VAL B 173 -4.82 4.24 10.36
CA VAL B 173 -5.47 3.72 11.55
C VAL B 173 -6.30 2.45 11.30
N HIS B 174 -6.21 1.50 12.22
CA HIS B 174 -6.96 0.26 12.12
C HIS B 174 -7.66 -0.03 13.44
N THR B 175 -8.97 0.20 13.48
CA THR B 175 -9.74 -0.07 14.69
C THR B 175 -10.52 -1.34 14.42
N PHE B 176 -10.22 -2.37 15.21
CA PHE B 176 -10.85 -3.68 15.07
C PHE B 176 -12.17 -3.88 15.79
N PRO B 177 -13.01 -4.81 15.29
CA PRO B 177 -14.31 -5.09 15.91
C PRO B 177 -14.15 -5.64 17.31
N ALA B 178 -14.98 -5.18 18.24
CA ALA B 178 -14.93 -5.64 19.61
C ALA B 178 -15.32 -7.11 19.70
N VAL B 179 -14.74 -7.84 20.65
CA VAL B 179 -15.04 -9.25 20.85
C VAL B 179 -15.28 -9.48 22.35
N LEU B 180 -15.96 -10.57 22.68
CA LEU B 180 -16.27 -10.90 24.07
C LEU B 180 -15.14 -11.56 24.83
N GLN B 181 -15.07 -11.26 26.11
CA GLN B 181 -14.06 -11.83 26.97
C GLN B 181 -14.60 -11.74 28.37
N SER B 182 -15.37 -12.76 28.76
CA SER B 182 -15.98 -12.82 30.09
C SER B 182 -17.19 -11.88 30.15
N ASP B 183 -18.04 -11.95 29.13
CA ASP B 183 -19.21 -11.11 29.04
C ASP B 183 -18.94 -9.62 28.97
N LEU B 184 -17.68 -9.26 28.78
CA LEU B 184 -17.30 -7.86 28.65
C LEU B 184 -16.56 -7.71 27.33
N TYR B 185 -16.76 -6.58 26.66
CA TYR B 185 -16.14 -6.31 25.38
C TYR B 185 -14.70 -5.84 25.46
N THR B 186 -13.89 -6.29 24.51
CA THR B 186 -12.50 -5.88 24.42
C THR B 186 -12.25 -5.45 22.99
N LEU B 187 -11.57 -4.33 22.82
CA LEU B 187 -11.32 -3.78 21.49
C LEU B 187 -9.89 -3.30 21.31
N SER B 188 -9.42 -3.33 20.07
CA SER B 188 -8.07 -2.91 19.72
C SER B 188 -7.99 -1.94 18.52
N SER B 189 -6.95 -1.11 18.51
CA SER B 189 -6.70 -0.16 17.42
C SER B 189 -5.20 0.13 17.21
N SER B 190 -4.76 0.17 15.97
CA SER B 190 -3.37 0.48 15.66
C SER B 190 -3.26 1.73 14.80
N VAL B 191 -2.13 2.41 14.88
CA VAL B 191 -1.91 3.60 14.09
C VAL B 191 -0.46 3.53 13.61
N THR B 192 -0.24 3.87 12.34
CA THR B 192 1.09 3.81 11.75
C THR B 192 1.46 5.17 11.18
N VAL B 193 2.54 5.75 11.68
CA VAL B 193 3.00 7.07 11.24
C VAL B 193 4.46 6.97 10.79
N THR B 194 5.03 8.08 10.33
CA THR B 194 6.43 8.08 9.90
C THR B 194 7.30 7.90 11.12
N SER B 195 8.25 6.97 11.04
CA SER B 195 9.13 6.69 12.17
C SER B 195 9.78 7.95 12.76
N SER B 196 10.00 8.97 11.92
CA SER B 196 10.61 10.22 12.36
C SER B 196 9.68 11.04 13.26
N THR B 197 8.38 10.91 13.07
CA THR B 197 7.41 11.66 13.85
C THR B 197 7.25 11.17 15.29
N TRP B 198 7.71 9.95 15.58
CA TRP B 198 7.56 9.38 16.91
C TRP B 198 8.88 8.93 17.53
N PRO B 199 9.08 9.24 18.83
CA PRO B 199 8.18 9.96 19.72
C PRO B 199 8.38 11.46 19.84
N SER B 200 9.03 12.07 18.85
CA SER B 200 9.25 13.53 18.89
C SER B 200 7.89 14.22 18.95
N GLN B 201 6.94 13.66 18.22
CA GLN B 201 5.58 14.19 18.22
C GLN B 201 4.69 13.13 18.88
N SER B 202 4.16 13.47 20.06
CA SER B 202 3.32 12.57 20.83
C SER B 202 2.11 11.99 20.09
N ILE B 203 1.78 10.75 20.42
CA ILE B 203 0.63 10.07 19.83
C ILE B 203 -0.25 9.63 20.98
N THR B 204 -1.51 10.08 20.95
CA THR B 204 -2.45 9.78 22.03
C THR B 204 -3.69 9.05 21.59
N CYS B 205 -4.16 8.15 22.45
CA CYS B 205 -5.36 7.35 22.20
C CYS B 205 -6.54 7.99 22.94
N ASN B 206 -7.69 8.09 22.28
CA ASN B 206 -8.85 8.71 22.91
C ASN B 206 -10.03 7.74 22.92
N VAL B 207 -10.50 7.39 24.11
CA VAL B 207 -11.60 6.46 24.22
C VAL B 207 -12.79 7.09 24.94
N ALA B 208 -13.97 6.87 24.40
CA ALA B 208 -15.19 7.42 25.00
C ALA B 208 -16.25 6.34 25.05
N HIS B 209 -16.83 6.14 26.22
CA HIS B 209 -17.85 5.13 26.41
C HIS B 209 -19.12 5.83 26.91
N PRO B 210 -19.99 6.23 25.98
CA PRO B 210 -21.25 6.92 26.30
C PRO B 210 -22.05 6.31 27.45
N ALA B 211 -22.24 5.00 27.42
CA ALA B 211 -23.01 4.32 28.45
C ALA B 211 -22.58 4.72 29.88
N SER B 212 -21.28 4.87 30.10
CA SER B 212 -20.77 5.24 31.42
C SER B 212 -20.25 6.68 31.48
N SER B 213 -20.50 7.46 30.43
CA SER B 213 -20.05 8.85 30.34
C SER B 213 -18.54 8.97 30.64
N THR B 214 -17.83 7.90 30.31
CA THR B 214 -16.40 7.82 30.53
C THR B 214 -15.59 8.38 29.36
N LYS B 215 -14.45 8.99 29.68
CA LYS B 215 -13.54 9.56 28.68
C LYS B 215 -12.12 9.34 29.17
N VAL B 216 -11.33 8.60 28.41
CA VAL B 216 -9.96 8.34 28.80
C VAL B 216 -8.99 8.64 27.68
N ASP B 217 -7.90 9.32 28.00
CA ASP B 217 -6.88 9.64 27.00
C ASP B 217 -5.58 9.00 27.42
N LYS B 218 -5.03 8.14 26.57
CA LYS B 218 -3.76 7.46 26.87
C LYS B 218 -2.67 7.78 25.87
N LYS B 219 -1.70 8.57 26.32
CA LYS B 219 -0.57 8.97 25.50
C LYS B 219 0.43 7.82 25.46
N ILE B 220 0.81 7.40 24.26
CA ILE B 220 1.77 6.31 24.11
C ILE B 220 3.17 6.84 24.38
N GLU B 221 3.83 6.22 25.37
CA GLU B 221 5.19 6.58 25.78
C GLU B 221 6.14 5.44 25.46
N PRO B 222 7.38 5.74 25.03
CA PRO B 222 8.36 4.69 24.71
C PRO B 222 8.61 3.77 25.90
N ILE C 2 46.81 0.88 -5.68
CA ILE C 2 45.98 0.31 -4.58
C ILE C 2 44.52 0.18 -4.99
N VAL C 3 44.01 -1.05 -4.97
CA VAL C 3 42.63 -1.33 -5.34
C VAL C 3 41.73 -1.42 -4.11
N MET C 4 40.78 -0.50 -3.98
CA MET C 4 39.86 -0.48 -2.86
C MET C 4 38.57 -1.20 -3.26
N THR C 5 38.25 -2.29 -2.57
CA THR C 5 37.04 -3.04 -2.90
C THR C 5 36.11 -3.22 -1.70
N GLN C 6 34.79 -3.14 -1.95
CA GLN C 6 33.77 -3.31 -0.92
C GLN C 6 32.94 -4.50 -1.35
N SER C 7 33.28 -5.67 -0.82
CA SER C 7 32.59 -6.91 -1.17
C SER C 7 31.07 -6.82 -1.13
N SER C 8 30.55 -5.94 -0.29
CA SER C 8 29.11 -5.75 -0.17
C SER C 8 28.67 -4.68 -1.16
N SER C 9 27.74 -5.03 -2.04
CA SER C 9 27.25 -4.08 -3.04
C SER C 9 25.90 -3.46 -2.68
N SER C 10 24.98 -4.29 -2.20
CA SER C 10 23.65 -3.82 -1.81
C SER C 10 23.28 -4.42 -0.45
N LEU C 11 23.15 -3.55 0.55
CA LEU C 11 22.82 -4.02 1.88
C LEU C 11 21.38 -3.69 2.25
N SER C 12 20.69 -4.66 2.83
CA SER C 12 19.29 -4.52 3.23
C SER C 12 19.14 -4.61 4.75
N ALA C 13 18.42 -3.65 5.34
CA ALA C 13 18.26 -3.65 6.79
C ALA C 13 16.97 -2.95 7.23
N SER C 14 16.70 -3.01 8.54
CA SER C 14 15.52 -2.38 9.11
C SER C 14 15.92 -1.17 9.94
N LEU C 15 14.96 -0.28 10.17
CA LEU C 15 15.20 0.90 10.98
C LEU C 15 15.58 0.51 12.41
N GLY C 16 16.61 1.15 12.95
CA GLY C 16 17.04 0.85 14.30
C GLY C 16 18.17 -0.17 14.40
N ASP C 17 18.42 -0.91 13.33
CA ASP C 17 19.50 -1.90 13.32
C ASP C 17 20.87 -1.26 13.25
N ARG C 18 21.88 -1.94 13.77
CA ARG C 18 23.25 -1.44 13.71
C ARG C 18 23.81 -2.04 12.40
N VAL C 19 24.19 -1.18 11.47
CA VAL C 19 24.69 -1.62 10.16
C VAL C 19 26.18 -1.43 10.00
N THR C 20 26.82 -2.38 9.33
CA THR C 20 28.26 -2.30 9.09
C THR C 20 28.58 -2.49 7.62
N ILE C 21 29.45 -1.64 7.10
CA ILE C 21 29.87 -1.68 5.70
C ILE C 21 31.38 -1.94 5.66
N SER C 22 31.76 -3.01 4.99
CA SER C 22 33.18 -3.40 4.89
C SER C 22 33.89 -2.85 3.68
N CYS C 23 35.18 -2.57 3.86
CA CYS C 23 36.03 -2.03 2.83
C CYS C 23 37.43 -2.59 3.04
N ARG C 24 38.03 -3.16 1.99
CA ARG C 24 39.38 -3.72 2.12
C ARG C 24 40.32 -3.19 1.05
N ALA C 25 41.55 -2.89 1.45
CA ALA C 25 42.52 -2.36 0.52
C ALA C 25 43.49 -3.46 0.07
N SER C 26 44.06 -3.29 -1.11
CA SER C 26 45.00 -4.25 -1.66
C SER C 26 46.29 -4.34 -0.83
N GLN C 27 46.56 -3.29 -0.06
CA GLN C 27 47.75 -3.24 0.79
C GLN C 27 47.51 -2.26 1.94
N ASP C 28 48.30 -2.42 3.00
CA ASP C 28 48.21 -1.58 4.19
C ASP C 28 48.23 -0.10 3.83
N ILE C 29 47.14 0.61 4.15
CA ILE C 29 47.06 2.03 3.85
C ILE C 29 47.26 2.90 5.09
N SER C 30 47.80 2.28 6.15
CA SER C 30 48.10 2.97 7.42
C SER C 30 47.00 3.90 7.95
N ASN C 31 45.78 3.39 8.07
CA ASN C 31 44.67 4.17 8.59
C ASN C 31 44.22 5.40 7.77
N TYR C 32 44.88 5.62 6.64
CA TYR C 32 44.51 6.76 5.77
C TYR C 32 43.28 6.38 4.93
N LEU C 33 42.14 6.28 5.62
CA LEU C 33 40.89 5.91 5.00
C LEU C 33 39.74 6.82 5.41
N ASN C 34 39.07 7.40 4.42
CA ASN C 34 37.92 8.27 4.66
C ASN C 34 36.66 7.59 4.15
N TRP C 35 35.51 8.04 4.68
CA TRP C 35 34.22 7.48 4.27
C TRP C 35 33.28 8.57 3.78
N TYR C 36 32.68 8.34 2.62
CA TYR C 36 31.76 9.31 2.04
C TYR C 36 30.38 8.70 1.79
N GLN C 37 29.36 9.54 1.91
CA GLN C 37 27.99 9.13 1.68
C GLN C 37 27.43 9.89 0.48
N GLN C 38 26.81 9.17 -0.44
CA GLN C 38 26.21 9.82 -1.58
C GLN C 38 24.72 9.50 -1.57
N LYS C 39 23.87 10.52 -1.53
CA LYS C 39 22.43 10.30 -1.50
C LYS C 39 21.87 10.14 -2.91
N PRO C 40 20.65 9.60 -3.04
CA PRO C 40 20.00 9.38 -4.34
C PRO C 40 19.99 10.57 -5.29
N ASP C 41 20.07 11.78 -4.75
CA ASP C 41 20.07 12.98 -5.57
C ASP C 41 21.48 13.35 -6.07
N GLY C 42 22.45 12.47 -5.83
CA GLY C 42 23.82 12.70 -6.28
C GLY C 42 24.75 13.44 -5.34
N THR C 43 24.25 13.93 -4.21
CA THR C 43 25.07 14.66 -3.25
C THR C 43 26.04 13.81 -2.44
N VAL C 44 27.30 14.23 -2.44
CA VAL C 44 28.36 13.53 -1.74
C VAL C 44 28.72 14.25 -0.41
N GLU C 45 28.88 13.48 0.66
CA GLU C 45 29.21 14.07 1.95
C GLU C 45 30.28 13.25 2.67
N LEU C 46 31.18 13.96 3.35
CA LEU C 46 32.25 13.33 4.11
C LEU C 46 31.72 12.92 5.47
N LEU C 47 31.99 11.68 5.89
CA LEU C 47 31.50 11.20 7.18
C LEU C 47 32.60 10.97 8.20
N ILE C 48 33.52 10.10 7.83
CA ILE C 48 34.64 9.74 8.71
C ILE C 48 35.96 9.99 7.98
N TYR C 49 36.94 10.53 8.69
CA TYR C 49 38.24 10.78 8.10
C TYR C 49 39.33 10.16 8.98
N TYR C 50 40.43 9.77 8.34
CA TYR C 50 41.55 9.15 9.02
C TYR C 50 41.06 7.94 9.81
N THR C 51 40.32 7.08 9.10
CA THR C 51 39.76 5.85 9.65
C THR C 51 38.58 5.93 10.60
N SER C 52 38.73 6.75 11.64
CA SER C 52 37.71 6.84 12.68
C SER C 52 37.43 8.23 13.21
N ARG C 53 37.66 9.26 12.42
CA ARG C 53 37.39 10.59 12.93
C ARG C 53 36.03 11.03 12.40
N LEU C 54 35.15 11.37 13.32
CA LEU C 54 33.82 11.84 12.96
C LEU C 54 33.90 13.31 12.57
N GLN C 55 33.42 13.62 11.37
CA GLN C 55 33.43 15.00 10.87
C GLN C 55 32.31 15.82 11.51
N SER C 56 32.60 17.09 11.81
CA SER C 56 31.60 17.97 12.43
C SER C 56 30.34 18.04 11.57
N GLY C 57 29.18 18.00 12.21
CA GLY C 57 27.94 18.04 11.46
C GLY C 57 27.37 16.65 11.26
N VAL C 58 28.27 15.69 11.03
CA VAL C 58 27.85 14.32 10.82
C VAL C 58 27.29 13.78 12.13
N PRO C 59 26.07 13.24 12.11
CA PRO C 59 25.49 12.70 13.35
C PRO C 59 26.37 11.61 13.98
N SER C 60 26.35 11.52 15.31
CA SER C 60 27.16 10.56 16.05
C SER C 60 26.76 9.10 15.83
N ARG C 61 25.81 8.87 14.94
CA ARG C 61 25.39 7.52 14.63
C ARG C 61 26.45 6.89 13.74
N PHE C 62 27.25 7.73 13.09
CA PHE C 62 28.30 7.23 12.21
C PHE C 62 29.63 7.07 12.95
N SER C 63 30.40 6.06 12.54
CA SER C 63 31.71 5.79 13.15
C SER C 63 32.49 4.86 12.25
N GLY C 64 33.81 4.98 12.28
CA GLY C 64 34.65 4.13 11.46
C GLY C 64 35.71 3.44 12.29
N SER C 65 36.24 2.32 11.80
CA SER C 65 37.26 1.62 12.53
C SER C 65 38.15 0.86 11.55
N GLY C 66 39.09 0.10 12.08
CA GLY C 66 39.96 -0.67 11.22
C GLY C 66 41.41 -0.24 11.19
N SER C 67 42.21 -1.01 10.46
CA SER C 67 43.63 -0.74 10.31
C SER C 67 44.17 -1.70 9.27
N GLY C 68 45.41 -1.48 8.85
CA GLY C 68 46.02 -2.34 7.85
C GLY C 68 45.32 -2.26 6.51
N SER C 69 44.65 -3.36 6.14
CA SER C 69 43.94 -3.41 4.88
C SER C 69 42.43 -3.53 5.08
N ASP C 70 41.99 -3.82 6.29
CA ASP C 70 40.57 -3.95 6.57
C ASP C 70 40.01 -2.77 7.36
N TYR C 71 38.91 -2.21 6.87
CA TYR C 71 38.25 -1.07 7.52
C TYR C 71 36.74 -1.21 7.45
N SER C 72 36.02 -0.57 8.37
CA SER C 72 34.57 -0.65 8.38
C SER C 72 33.89 0.67 8.72
N LEU C 73 32.67 0.86 8.21
CA LEU C 73 31.87 2.05 8.52
C LEU C 73 30.68 1.48 9.31
N THR C 74 30.35 2.09 10.44
CA THR C 74 29.24 1.60 11.25
C THR C 74 28.15 2.64 11.51
N ILE C 75 26.90 2.18 11.51
CA ILE C 75 25.77 3.04 11.80
C ILE C 75 25.04 2.45 13.01
N SER C 76 25.19 3.10 14.15
CA SER C 76 24.60 2.64 15.40
C SER C 76 23.13 2.22 15.31
N ASN C 77 22.31 3.10 14.78
CA ASN C 77 20.88 2.82 14.65
C ASN C 77 20.41 3.51 13.36
N LEU C 78 19.99 2.68 12.40
CA LEU C 78 19.56 3.16 11.09
C LEU C 78 18.29 4.00 11.07
N VAL C 79 18.32 5.09 10.31
CA VAL C 79 17.14 5.93 10.15
C VAL C 79 16.89 6.12 8.66
N PRO C 80 15.70 6.60 8.29
CA PRO C 80 15.39 6.81 6.87
C PRO C 80 16.40 7.66 6.07
N GLU C 81 16.93 8.71 6.68
CA GLU C 81 17.89 9.58 5.98
C GLU C 81 19.22 8.87 5.70
N ASP C 82 19.35 7.64 6.16
CA ASP C 82 20.57 6.88 5.98
C ASP C 82 20.57 6.05 4.71
N ILE C 83 19.46 6.05 3.98
CA ILE C 83 19.39 5.26 2.74
C ILE C 83 20.22 5.95 1.66
N ALA C 84 21.30 5.29 1.25
CA ALA C 84 22.18 5.85 0.24
C ALA C 84 23.28 4.86 -0.03
N THR C 85 24.31 5.30 -0.77
CA THR C 85 25.42 4.40 -1.05
C THR C 85 26.70 5.03 -0.47
N TYR C 86 27.49 4.21 0.21
CA TYR C 86 28.70 4.67 0.85
C TYR C 86 29.99 4.22 0.17
N TYR C 87 30.94 5.13 0.08
CA TYR C 87 32.23 4.84 -0.54
C TYR C 87 33.39 5.12 0.41
N CYS C 88 34.36 4.21 0.44
CA CYS C 88 35.55 4.43 1.25
C CYS C 88 36.61 4.97 0.30
N GLN C 89 37.53 5.77 0.84
CA GLN C 89 38.57 6.40 0.03
C GLN C 89 39.95 6.43 0.70
N GLN C 90 40.93 5.85 0.04
CA GLN C 90 42.29 5.84 0.58
C GLN C 90 43.13 7.00 0.03
N TYR C 91 44.15 7.39 0.79
CA TYR C 91 45.05 8.46 0.37
C TYR C 91 46.47 8.15 0.82
N SER C 92 46.75 6.84 0.91
CA SER C 92 48.06 6.34 1.30
C SER C 92 48.98 6.48 0.10
N LYS C 93 48.51 6.01 -1.05
CA LYS C 93 49.25 6.07 -2.30
C LYS C 93 48.31 6.69 -3.35
N LEU C 94 48.34 8.00 -3.47
CA LEU C 94 47.46 8.71 -4.43
C LEU C 94 46.00 8.65 -3.95
N PHE C 95 45.05 8.43 -4.85
CA PHE C 95 43.66 8.39 -4.42
C PHE C 95 42.85 7.30 -5.13
N THR C 96 42.20 6.43 -4.34
CA THR C 96 41.39 5.35 -4.90
C THR C 96 40.09 5.19 -4.11
N PHE C 97 38.96 5.15 -4.81
CA PHE C 97 37.65 4.98 -4.17
C PHE C 97 37.22 3.51 -4.21
N GLY C 98 36.41 3.12 -3.22
CA GLY C 98 35.90 1.76 -3.18
C GLY C 98 34.77 1.63 -4.16
N SER C 99 34.23 0.41 -4.32
CA SER C 99 33.14 0.20 -5.29
C SER C 99 31.79 0.78 -4.86
N GLY C 100 31.64 1.01 -3.56
CA GLY C 100 30.41 1.57 -3.04
C GLY C 100 29.42 0.52 -2.58
N THR C 101 28.66 0.86 -1.53
CA THR C 101 27.64 -0.02 -0.97
C THR C 101 26.36 0.76 -0.79
N LYS C 102 25.30 0.34 -1.48
CA LYS C 102 24.00 1.01 -1.37
C LYS C 102 23.19 0.35 -0.26
N LEU C 103 22.33 1.15 0.38
CA LEU C 103 21.50 0.69 1.48
C LEU C 103 20.02 0.66 1.09
N GLU C 104 19.29 -0.31 1.64
CA GLU C 104 17.86 -0.49 1.39
C GLU C 104 17.10 -0.85 2.66
N ILE C 105 15.89 -0.30 2.83
CA ILE C 105 15.05 -0.60 4.00
C ILE C 105 14.10 -1.76 3.72
N LYS C 106 13.98 -2.68 4.66
CA LYS C 106 13.09 -3.83 4.53
C LYS C 106 11.65 -3.42 4.88
N ARG C 107 10.70 -4.08 4.23
CA ARG C 107 9.28 -3.83 4.48
C ARG C 107 8.57 -5.15 4.18
N ALA C 108 7.25 -5.17 4.34
CA ALA C 108 6.45 -6.37 4.07
C ALA C 108 6.45 -6.68 2.57
N ASP C 109 6.53 -7.96 2.24
CA ASP C 109 6.54 -8.37 0.85
C ASP C 109 5.27 -7.92 0.16
N ALA C 110 5.42 -7.58 -1.12
CA ALA C 110 4.31 -7.10 -1.92
C ALA C 110 4.47 -7.49 -3.39
N ALA C 111 3.47 -8.18 -3.91
CA ALA C 111 3.45 -8.59 -5.31
C ALA C 111 3.17 -7.33 -6.14
N PRO C 112 3.71 -7.25 -7.36
CA PRO C 112 3.46 -6.06 -8.19
C PRO C 112 2.03 -5.89 -8.67
N THR C 113 1.63 -4.64 -8.84
CA THR C 113 0.32 -4.30 -9.37
C THR C 113 0.59 -4.10 -10.86
N VAL C 114 0.11 -5.03 -11.66
CA VAL C 114 0.32 -5.00 -13.09
C VAL C 114 -0.82 -4.45 -13.96
N SER C 115 -0.45 -3.69 -14.98
CA SER C 115 -1.41 -3.10 -15.92
C SER C 115 -0.75 -3.01 -17.30
N ILE C 116 -1.50 -3.40 -18.34
CA ILE C 116 -0.99 -3.40 -19.71
C ILE C 116 -1.74 -2.41 -20.58
N PHE C 117 -1.03 -1.78 -21.50
CA PHE C 117 -1.66 -0.80 -22.36
C PHE C 117 -1.37 -0.98 -23.85
N PRO C 118 -2.42 -0.93 -24.68
CA PRO C 118 -2.31 -1.08 -26.14
C PRO C 118 -1.74 0.20 -26.72
N PRO C 119 -1.08 0.11 -27.88
CA PRO C 119 -0.49 1.28 -28.54
C PRO C 119 -1.58 2.30 -28.80
N SER C 120 -1.27 3.58 -28.59
CA SER C 120 -2.25 4.65 -28.81
C SER C 120 -2.58 4.81 -30.29
N SER C 121 -3.78 5.33 -30.56
CA SER C 121 -4.22 5.55 -31.94
C SER C 121 -3.25 6.49 -32.65
N GLU C 122 -2.67 7.43 -31.90
CA GLU C 122 -1.73 8.41 -32.44
C GLU C 122 -0.41 7.77 -32.86
N GLN C 123 0.08 6.84 -32.05
CA GLN C 123 1.34 6.17 -32.38
C GLN C 123 1.19 5.34 -33.63
N LEU C 124 0.06 4.65 -33.74
CA LEU C 124 -0.22 3.82 -34.90
C LEU C 124 -0.27 4.67 -36.17
N THR C 125 -0.61 5.95 -36.00
CA THR C 125 -0.70 6.87 -37.13
C THR C 125 0.67 7.03 -37.79
N SER C 126 1.70 7.14 -36.97
CA SER C 126 3.05 7.29 -37.48
C SER C 126 3.74 5.95 -37.72
N GLY C 127 2.94 4.91 -37.95
CA GLY C 127 3.49 3.58 -38.22
C GLY C 127 4.24 2.92 -37.07
N GLY C 128 4.06 3.43 -35.85
CA GLY C 128 4.72 2.84 -34.70
C GLY C 128 3.76 2.14 -33.78
N ALA C 129 4.27 1.13 -33.06
CA ALA C 129 3.46 0.36 -32.13
C ALA C 129 4.22 0.04 -30.84
N SER C 130 3.76 0.56 -29.72
CA SER C 130 4.40 0.31 -28.42
C SER C 130 3.39 -0.17 -27.38
N VAL C 131 3.70 -1.30 -26.74
CA VAL C 131 2.84 -1.87 -25.71
C VAL C 131 3.54 -1.64 -24.38
N VAL C 132 2.85 -0.97 -23.45
CA VAL C 132 3.43 -0.70 -22.16
C VAL C 132 2.85 -1.60 -21.08
N CYS C 133 3.71 -1.96 -20.12
CA CYS C 133 3.32 -2.82 -19.01
C CYS C 133 3.93 -2.23 -17.73
N PHE C 134 3.06 -1.85 -16.79
CA PHE C 134 3.53 -1.30 -15.52
C PHE C 134 3.50 -2.34 -14.40
N LEU C 135 4.58 -2.40 -13.62
CA LEU C 135 4.67 -3.34 -12.50
C LEU C 135 5.02 -2.47 -11.29
N ASN C 136 3.99 -1.98 -10.60
CA ASN C 136 4.18 -1.04 -9.48
C ASN C 136 4.03 -1.52 -8.04
N ASN C 137 4.72 -0.81 -7.15
CA ASN C 137 4.70 -1.05 -5.72
C ASN C 137 4.92 -2.48 -5.25
N PHE C 138 6.08 -3.03 -5.62
CA PHE C 138 6.42 -4.39 -5.21
C PHE C 138 7.66 -4.43 -4.35
N TYR C 139 7.81 -5.51 -3.61
CA TYR C 139 8.96 -5.71 -2.76
C TYR C 139 9.08 -7.22 -2.43
N PRO C 140 10.28 -7.79 -2.46
CA PRO C 140 11.59 -7.19 -2.77
C PRO C 140 11.66 -6.62 -4.18
N LYS C 141 12.85 -6.19 -4.57
CA LYS C 141 13.08 -5.61 -5.89
C LYS C 141 13.23 -6.64 -7.01
N ASP C 142 13.85 -7.77 -6.70
CA ASP C 142 14.05 -8.81 -7.71
C ASP C 142 12.73 -9.25 -8.31
N ILE C 143 12.58 -9.03 -9.61
CA ILE C 143 11.37 -9.40 -10.33
C ILE C 143 11.69 -9.79 -11.78
N ASN C 144 10.87 -10.68 -12.35
CA ASN C 144 11.07 -11.13 -13.72
C ASN C 144 9.85 -10.82 -14.58
N VAL C 145 10.04 -10.03 -15.64
CA VAL C 145 8.94 -9.69 -16.53
C VAL C 145 9.15 -10.35 -17.89
N LYS C 146 8.08 -10.97 -18.40
CA LYS C 146 8.15 -11.66 -19.69
C LYS C 146 7.03 -11.24 -20.65
N TRP C 147 7.40 -10.97 -21.89
CA TRP C 147 6.44 -10.59 -22.92
C TRP C 147 6.10 -11.80 -23.78
N LYS C 148 4.86 -11.84 -24.26
CA LYS C 148 4.43 -12.93 -25.11
C LYS C 148 3.41 -12.47 -26.13
N ILE C 149 3.64 -12.81 -27.39
CA ILE C 149 2.72 -12.46 -28.44
C ILE C 149 2.14 -13.76 -28.97
N ASP C 150 0.82 -13.89 -28.88
CA ASP C 150 0.15 -15.10 -29.33
C ASP C 150 0.78 -16.34 -28.69
N GLY C 151 1.10 -16.23 -27.40
CA GLY C 151 1.67 -17.35 -26.67
C GLY C 151 3.08 -17.77 -27.02
N SER C 152 3.91 -16.83 -27.46
CA SER C 152 5.29 -17.12 -27.81
C SER C 152 6.19 -16.03 -27.26
N GLU C 153 7.13 -16.41 -26.39
CA GLU C 153 8.05 -15.47 -25.77
C GLU C 153 8.59 -14.50 -26.80
N ARG C 154 8.83 -13.27 -26.35
CA ARG C 154 9.34 -12.21 -27.22
C ARG C 154 10.34 -11.29 -26.56
N GLN C 155 11.59 -11.38 -26.98
CA GLN C 155 12.63 -10.50 -26.44
C GLN C 155 13.04 -9.45 -27.54
N ASN C 156 12.08 -8.93 -28.31
CA ASN C 156 12.25 -7.97 -29.42
C ASN C 156 12.70 -6.57 -28.99
N GLY C 157 11.86 -5.58 -29.30
CA GLY C 157 12.15 -4.22 -28.90
C GLY C 157 11.64 -4.06 -27.49
N VAL C 158 12.31 -4.68 -26.52
CA VAL C 158 11.87 -4.54 -25.14
C VAL C 158 12.81 -3.60 -24.36
N LEU C 159 12.21 -2.56 -23.79
CA LEU C 159 12.97 -1.60 -22.99
C LEU C 159 12.40 -1.60 -21.57
N ASN C 160 13.29 -1.64 -20.59
CA ASN C 160 12.87 -1.66 -19.20
C ASN C 160 13.47 -0.52 -18.41
N SER C 161 12.71 -0.04 -17.43
CA SER C 161 13.14 1.04 -16.58
C SER C 161 12.74 0.70 -15.14
N TRP C 162 13.65 0.94 -14.20
CA TRP C 162 13.42 0.65 -12.79
C TRP C 162 13.54 1.91 -11.95
N THR C 163 12.63 2.08 -11.00
CA THR C 163 12.65 3.22 -10.09
C THR C 163 13.39 2.82 -8.83
N ASP C 164 14.05 3.78 -8.17
CA ASP C 164 14.73 3.47 -6.92
C ASP C 164 13.66 3.16 -5.86
N GLN C 165 14.07 2.64 -4.71
CA GLN C 165 13.12 2.34 -3.65
C GLN C 165 12.38 3.63 -3.31
N ASP C 166 11.05 3.56 -3.24
CA ASP C 166 10.25 4.72 -2.90
C ASP C 166 10.58 5.18 -1.48
N SER C 167 10.53 6.49 -1.24
CA SER C 167 10.83 7.03 0.09
C SER C 167 9.64 7.02 1.03
N LYS C 168 8.44 7.10 0.47
CA LYS C 168 7.22 7.10 1.27
C LYS C 168 6.82 5.70 1.71
N ASP C 169 6.67 4.78 0.76
CA ASP C 169 6.24 3.41 1.10
C ASP C 169 7.33 2.33 1.05
N SER C 170 8.53 2.70 0.59
CA SER C 170 9.65 1.75 0.51
C SER C 170 9.49 0.65 -0.55
N THR C 171 8.63 0.86 -1.54
CA THR C 171 8.45 -0.14 -2.59
C THR C 171 9.22 0.24 -3.87
N TYR C 172 9.16 -0.66 -4.85
CA TYR C 172 9.81 -0.48 -6.14
C TYR C 172 8.80 -0.55 -7.27
N SER C 173 9.10 0.13 -8.38
CA SER C 173 8.21 0.08 -9.52
C SER C 173 8.98 -0.14 -10.84
N MET C 174 8.33 -0.82 -11.77
CA MET C 174 8.98 -1.13 -13.04
C MET C 174 8.10 -0.77 -14.24
N SER C 175 8.75 -0.58 -15.39
CA SER C 175 8.06 -0.26 -16.62
C SER C 175 8.72 -1.02 -17.77
N SER C 176 7.97 -1.91 -18.39
CA SER C 176 8.48 -2.71 -19.50
C SER C 176 7.72 -2.33 -20.78
N THR C 177 8.46 -1.95 -21.82
CA THR C 177 7.84 -1.58 -23.07
C THR C 177 8.23 -2.48 -24.24
N LEU C 178 7.23 -2.89 -25.01
CA LEU C 178 7.48 -3.74 -26.16
C LEU C 178 7.19 -2.92 -27.41
N THR C 179 8.23 -2.54 -28.14
CA THR C 179 8.03 -1.74 -29.34
C THR C 179 8.10 -2.57 -30.63
N LEU C 180 7.12 -2.33 -31.51
CA LEU C 180 7.02 -3.02 -32.79
C LEU C 180 6.57 -2.05 -33.86
N THR C 181 6.64 -2.50 -35.11
CA THR C 181 6.19 -1.70 -36.23
C THR C 181 4.68 -1.80 -36.22
N LYS C 182 3.98 -0.79 -36.73
CA LYS C 182 2.54 -0.85 -36.76
C LYS C 182 2.13 -2.13 -37.49
N ASP C 183 2.84 -2.42 -38.57
CA ASP C 183 2.57 -3.58 -39.40
C ASP C 183 2.67 -4.89 -38.66
N GLU C 184 3.70 -5.06 -37.84
CA GLU C 184 3.85 -6.30 -37.10
C GLU C 184 2.80 -6.41 -36.01
N TYR C 185 2.54 -5.29 -35.36
CA TYR C 185 1.55 -5.26 -34.30
C TYR C 185 0.19 -5.74 -34.81
N GLU C 186 -0.21 -5.27 -35.99
CA GLU C 186 -1.50 -5.65 -36.56
C GLU C 186 -1.56 -7.05 -37.20
N ARG C 187 -0.55 -7.88 -36.97
CA ARG C 187 -0.54 -9.23 -37.54
C ARG C 187 -0.67 -10.32 -36.47
N HIS C 188 -0.82 -9.89 -35.22
CA HIS C 188 -0.96 -10.80 -34.10
C HIS C 188 -2.22 -10.39 -33.34
N ASN C 189 -2.76 -11.29 -32.52
CA ASN C 189 -3.99 -11.02 -31.78
C ASN C 189 -3.83 -10.67 -30.31
N SER C 190 -3.12 -11.53 -29.55
CA SER C 190 -2.97 -11.30 -28.13
C SER C 190 -1.56 -10.97 -27.69
N TYR C 191 -1.45 -9.91 -26.88
CA TYR C 191 -0.18 -9.46 -26.32
C TYR C 191 -0.25 -9.62 -24.81
N THR C 192 0.80 -10.19 -24.22
CA THR C 192 0.82 -10.44 -22.78
C THR C 192 2.15 -10.16 -22.11
N CYS C 193 2.10 -9.67 -20.87
CA CYS C 193 3.30 -9.46 -20.08
C CYS C 193 3.08 -10.23 -18.79
N GLU C 194 3.98 -11.17 -18.54
CA GLU C 194 3.90 -12.03 -17.36
C GLU C 194 4.96 -11.62 -16.34
N ALA C 195 4.51 -11.36 -15.11
CA ALA C 195 5.42 -10.96 -14.04
C ALA C 195 5.53 -12.06 -12.99
N THR C 196 6.75 -12.52 -12.78
CA THR C 196 7.02 -13.54 -11.78
C THR C 196 7.73 -12.84 -10.63
N HIS C 197 7.17 -12.97 -9.43
CA HIS C 197 7.75 -12.36 -8.23
C HIS C 197 7.86 -13.40 -7.13
N LYS C 198 8.60 -13.07 -6.08
CA LYS C 198 8.82 -13.98 -4.95
C LYS C 198 7.53 -14.32 -4.22
N THR C 199 6.62 -13.35 -4.14
CA THR C 199 5.34 -13.52 -3.46
C THR C 199 4.42 -14.59 -4.06
N SER C 200 4.88 -15.27 -5.11
CA SER C 200 4.08 -16.34 -5.73
C SER C 200 4.79 -17.14 -6.81
N THR C 201 4.42 -18.40 -6.93
CA THR C 201 4.99 -19.28 -7.93
C THR C 201 4.23 -19.05 -9.24
N SER C 202 2.94 -18.73 -9.12
CA SER C 202 2.10 -18.45 -10.29
C SER C 202 2.32 -17.01 -10.74
N PRO C 203 2.73 -16.82 -12.00
CA PRO C 203 2.99 -15.49 -12.57
C PRO C 203 1.75 -14.59 -12.64
N ILE C 204 1.97 -13.29 -12.54
CA ILE C 204 0.87 -12.33 -12.66
C ILE C 204 0.76 -12.06 -14.15
N VAL C 205 -0.40 -12.33 -14.74
CA VAL C 205 -0.60 -12.17 -16.18
C VAL C 205 -1.67 -11.17 -16.61
N LYS C 206 -1.27 -10.24 -17.47
CA LYS C 206 -2.17 -9.21 -17.99
C LYS C 206 -2.00 -9.17 -19.50
N SER C 207 -3.11 -9.15 -20.22
CA SER C 207 -3.05 -9.14 -21.67
C SER C 207 -4.35 -8.68 -22.30
N PHE C 208 -4.32 -8.48 -23.61
CA PHE C 208 -5.49 -8.04 -24.35
C PHE C 208 -5.42 -8.59 -25.77
N ASN C 209 -6.54 -8.53 -26.48
CA ASN C 209 -6.63 -9.00 -27.84
C ASN C 209 -7.22 -7.89 -28.72
N ARG C 210 -6.60 -7.65 -29.87
CA ARG C 210 -7.08 -6.60 -30.78
C ARG C 210 -7.79 -7.22 -31.99
N ALA D 1 31.25 29.33 4.77
CA ALA D 1 30.32 29.35 3.60
C ALA D 1 31.04 29.00 2.29
N VAL D 2 31.81 27.91 2.31
CA VAL D 2 32.55 27.44 1.13
C VAL D 2 31.57 27.00 0.05
N GLN D 3 32.00 27.02 -1.21
CA GLN D 3 31.13 26.60 -2.30
C GLN D 3 31.89 26.26 -3.58
N LEU D 4 31.50 25.17 -4.22
CA LEU D 4 32.11 24.73 -5.48
C LEU D 4 31.05 24.71 -6.57
N SER D 5 31.14 25.67 -7.49
CA SER D 5 30.18 25.77 -8.58
C SER D 5 30.73 25.19 -9.88
N GLN D 6 30.15 24.09 -10.36
CA GLN D 6 30.63 23.48 -11.60
C GLN D 6 29.80 23.91 -12.80
N SER D 7 30.45 23.94 -13.97
CA SER D 7 29.79 24.33 -15.21
C SER D 7 28.52 23.50 -15.41
N GLY D 8 27.57 24.05 -16.16
CA GLY D 8 26.32 23.36 -16.42
C GLY D 8 26.45 22.23 -17.43
N THR D 9 25.42 21.38 -17.50
CA THR D 9 25.40 20.24 -18.42
C THR D 9 26.03 20.55 -19.76
N VAL D 10 26.78 19.60 -20.28
CA VAL D 10 27.45 19.75 -21.56
C VAL D 10 27.21 18.57 -22.49
N LEU D 11 27.08 18.86 -23.77
CA LEU D 11 26.86 17.85 -24.79
C LEU D 11 28.02 17.90 -25.79
N ALA D 12 28.60 16.75 -26.10
CA ALA D 12 29.70 16.69 -27.04
C ALA D 12 29.50 15.53 -28.03
N ARG D 13 30.02 15.70 -29.24
CA ARG D 13 29.90 14.67 -30.26
C ARG D 13 31.09 13.70 -30.15
N PRO D 14 30.86 12.42 -30.51
CA PRO D 14 31.92 11.40 -30.45
C PRO D 14 33.21 11.79 -31.16
N GLY D 15 34.32 11.65 -30.47
CA GLY D 15 35.61 11.97 -31.06
C GLY D 15 36.09 13.39 -30.80
N ALA D 16 35.20 14.26 -30.33
CA ALA D 16 35.57 15.64 -30.06
C ALA D 16 36.20 15.85 -28.69
N SER D 17 36.32 17.11 -28.30
CA SER D 17 36.88 17.48 -27.01
C SER D 17 35.91 18.42 -26.30
N VAL D 18 36.01 18.48 -24.98
CA VAL D 18 35.16 19.37 -24.17
C VAL D 18 35.94 19.87 -22.97
N LYS D 19 35.56 21.05 -22.47
CA LYS D 19 36.22 21.62 -21.32
C LYS D 19 35.23 22.16 -20.30
N MET D 20 35.24 21.57 -19.10
CA MET D 20 34.35 21.98 -18.02
C MET D 20 35.12 22.64 -16.89
N SER D 21 34.46 23.55 -16.19
CA SER D 21 35.08 24.28 -15.10
C SER D 21 34.47 24.01 -13.73
N CYS D 22 35.07 24.64 -12.73
CA CYS D 22 34.66 24.51 -11.35
C CYS D 22 35.10 25.78 -10.63
N LYS D 23 34.17 26.71 -10.44
CA LYS D 23 34.46 27.96 -9.77
C LYS D 23 34.34 27.80 -8.27
N ALA D 24 35.46 27.97 -7.57
CA ALA D 24 35.49 27.83 -6.12
C ALA D 24 35.42 29.19 -5.41
N SER D 25 34.72 29.22 -4.28
CA SER D 25 34.57 30.44 -3.50
C SER D 25 34.38 30.11 -2.02
N GLY D 26 34.76 31.04 -1.15
CA GLY D 26 34.63 30.81 0.28
C GLY D 26 35.94 30.56 1.00
N TYR D 27 37.04 30.56 0.25
CA TYR D 27 38.35 30.32 0.84
C TYR D 27 39.51 30.83 -0.02
N THR D 28 40.68 30.22 0.14
CA THR D 28 41.86 30.60 -0.61
C THR D 28 42.16 29.57 -1.70
N PHE D 29 41.69 29.87 -2.90
CA PHE D 29 41.86 28.98 -4.06
C PHE D 29 43.29 28.45 -4.18
N THR D 30 44.23 29.15 -3.56
CA THR D 30 45.65 28.77 -3.59
C THR D 30 46.03 27.72 -2.56
N SER D 31 45.45 27.83 -1.37
CA SER D 31 45.77 26.92 -0.27
C SER D 31 45.09 25.55 -0.37
N TYR D 32 44.72 25.13 -1.58
CA TYR D 32 44.07 23.84 -1.72
C TYR D 32 44.34 23.12 -3.04
N TRP D 33 44.11 21.81 -3.02
CA TRP D 33 44.28 20.99 -4.21
C TRP D 33 42.89 20.82 -4.79
N MET D 34 42.75 20.88 -6.11
CA MET D 34 41.44 20.69 -6.70
C MET D 34 41.44 19.38 -7.48
N HIS D 35 40.59 18.45 -7.04
CA HIS D 35 40.50 17.14 -7.68
C HIS D 35 39.25 17.01 -8.53
N TRP D 36 39.23 15.97 -9.36
CA TRP D 36 38.11 15.69 -10.23
C TRP D 36 37.80 14.20 -10.10
N VAL D 37 36.52 13.89 -9.98
CA VAL D 37 36.06 12.52 -9.83
C VAL D 37 35.05 12.22 -10.91
N LYS D 38 35.09 11.00 -11.43
CA LYS D 38 34.17 10.59 -12.48
C LYS D 38 33.19 9.52 -11.99
N GLN D 39 31.95 9.58 -12.47
CA GLN D 39 30.93 8.61 -12.09
C GLN D 39 30.06 8.27 -13.30
N ARG D 40 30.07 6.99 -13.69
CA ARG D 40 29.27 6.56 -14.84
C ARG D 40 27.84 6.25 -14.40
N PRO D 41 26.89 6.24 -15.34
CA PRO D 41 25.49 5.95 -15.01
C PRO D 41 25.36 4.66 -14.20
N GLY D 42 25.02 4.81 -12.91
CA GLY D 42 24.87 3.66 -12.04
C GLY D 42 26.17 2.99 -11.65
N GLN D 43 27.27 3.74 -11.73
CA GLN D 43 28.59 3.22 -11.38
C GLN D 43 29.17 3.93 -10.15
N GLY D 44 30.28 3.40 -9.66
CA GLY D 44 30.92 3.99 -8.50
C GLY D 44 31.69 5.26 -8.81
N LEU D 45 32.40 5.78 -7.81
CA LEU D 45 33.20 6.98 -7.98
C LEU D 45 34.62 6.58 -8.38
N GLU D 46 35.21 7.33 -9.30
CA GLU D 46 36.57 7.03 -9.76
C GLU D 46 37.40 8.31 -9.79
N TRP D 47 38.61 8.22 -9.27
CA TRP D 47 39.49 9.38 -9.24
C TRP D 47 40.14 9.60 -10.60
N ILE D 48 40.22 10.87 -10.99
CA ILE D 48 40.81 11.26 -12.26
C ILE D 48 42.18 11.89 -12.03
N GLY D 49 42.17 13.08 -11.45
CA GLY D 49 43.41 13.77 -11.18
C GLY D 49 43.23 14.98 -10.29
N ALA D 50 44.32 15.69 -10.02
CA ALA D 50 44.28 16.87 -9.17
C ALA D 50 45.33 17.89 -9.62
N ILE D 51 45.14 19.13 -9.20
CA ILE D 51 46.04 20.21 -9.54
C ILE D 51 46.07 21.25 -8.43
N TYR D 52 47.27 21.75 -8.12
CA TYR D 52 47.42 22.78 -7.09
C TYR D 52 47.51 24.12 -7.80
N PRO D 53 46.45 24.94 -7.71
CA PRO D 53 46.39 26.26 -8.34
C PRO D 53 47.54 27.21 -7.97
N GLY D 54 48.42 26.76 -7.08
CA GLY D 54 49.55 27.59 -6.69
C GLY D 54 50.71 27.51 -7.67
N ASN D 55 51.45 26.41 -7.62
CA ASN D 55 52.58 26.22 -8.52
C ASN D 55 52.16 25.48 -9.78
N SER D 56 50.87 25.21 -9.90
CA SER D 56 50.29 24.50 -11.04
C SER D 56 50.76 23.06 -11.23
N ASP D 57 51.14 22.40 -10.15
CA ASP D 57 51.56 21.01 -10.24
C ASP D 57 50.33 20.12 -10.37
N THR D 58 50.51 18.93 -10.93
CA THR D 58 49.39 18.02 -11.11
C THR D 58 49.69 16.59 -10.70
N SER D 59 48.65 15.78 -10.63
CA SER D 59 48.72 14.40 -10.28
C SER D 59 47.60 13.66 -10.97
N TYR D 60 47.94 12.72 -11.85
CA TYR D 60 46.94 12.00 -12.60
C TYR D 60 46.85 10.53 -12.27
N ASN D 61 45.71 9.95 -12.62
CA ASN D 61 45.48 8.53 -12.49
C ASN D 61 45.97 7.92 -13.82
N GLN D 62 46.92 6.95 -13.78
CA GLN D 62 47.54 6.40 -15.01
C GLN D 62 46.59 6.16 -16.19
N LYS D 63 45.32 6.00 -15.91
CA LYS D 63 44.29 5.82 -16.90
C LYS D 63 43.85 7.13 -17.55
N PHE D 64 43.71 8.20 -16.79
CA PHE D 64 43.28 9.46 -17.41
C PHE D 64 44.36 10.36 -18.02
N LYS D 65 45.54 9.81 -18.21
CA LYS D 65 46.64 10.55 -18.83
C LYS D 65 46.50 10.43 -20.33
N GLY D 66 46.27 11.57 -20.99
CA GLY D 66 46.10 11.56 -22.43
C GLY D 66 44.64 11.83 -22.75
N LYS D 67 43.77 11.54 -21.79
CA LYS D 67 42.33 11.75 -21.95
C LYS D 67 41.94 13.05 -21.26
N ALA D 68 42.37 13.21 -20.01
CA ALA D 68 42.07 14.39 -19.21
C ALA D 68 43.24 15.36 -19.14
N LYS D 69 42.92 16.66 -19.20
CA LYS D 69 43.92 17.72 -19.13
C LYS D 69 43.48 18.77 -18.09
N LEU D 70 44.23 18.88 -17.00
CA LEU D 70 43.89 19.84 -15.94
C LEU D 70 44.53 21.20 -16.06
N THR D 71 43.82 22.23 -15.63
CA THR D 71 44.33 23.59 -15.68
C THR D 71 43.60 24.41 -14.62
N ALA D 72 44.09 25.62 -14.35
CA ALA D 72 43.45 26.46 -13.33
C ALA D 72 43.85 27.93 -13.41
N VAL D 73 42.89 28.79 -13.69
CA VAL D 73 43.15 30.23 -13.77
C VAL D 73 43.05 30.81 -12.36
N THR D 74 44.08 30.55 -11.55
CA THR D 74 44.10 31.04 -10.18
C THR D 74 43.46 32.41 -9.98
N SER D 75 43.59 33.29 -10.96
CA SER D 75 43.03 34.63 -10.87
C SER D 75 41.49 34.69 -10.94
N ALA D 76 40.86 33.55 -11.24
CA ALA D 76 39.39 33.51 -11.35
C ALA D 76 38.79 32.48 -10.40
N SER D 77 39.62 31.94 -9.51
CA SER D 77 39.18 30.91 -8.57
C SER D 77 38.36 29.86 -9.32
N THR D 78 38.89 29.45 -10.47
CA THR D 78 38.20 28.46 -11.29
C THR D 78 39.19 27.44 -11.83
N ALA D 79 38.77 26.19 -11.88
CA ALA D 79 39.62 25.13 -12.39
C ALA D 79 38.89 24.51 -13.59
N TYR D 80 39.66 24.03 -14.55
CA TYR D 80 39.06 23.45 -15.74
C TYR D 80 39.61 22.06 -16.04
N MET D 81 38.81 21.26 -16.72
CA MET D 81 39.20 19.91 -17.10
C MET D 81 38.79 19.68 -18.54
N GLU D 82 39.73 19.19 -19.35
CA GLU D 82 39.47 18.94 -20.75
C GLU D 82 39.64 17.46 -21.06
N LEU D 83 38.66 16.92 -21.77
CA LEU D 83 38.66 15.52 -22.19
C LEU D 83 38.71 15.51 -23.69
N SER D 84 39.62 14.72 -24.25
CA SER D 84 39.79 14.62 -25.70
C SER D 84 39.37 13.27 -26.26
N SER D 85 39.31 13.18 -27.58
CA SER D 85 38.94 11.96 -28.29
C SER D 85 37.79 11.25 -27.57
N LEU D 86 36.76 12.02 -27.25
CA LEU D 86 35.59 11.52 -26.54
C LEU D 86 34.98 10.24 -27.11
N THR D 87 34.23 9.54 -26.26
CA THR D 87 33.56 8.30 -26.62
C THR D 87 32.33 8.12 -25.74
N ASN D 88 31.58 7.05 -25.99
CA ASN D 88 30.37 6.76 -25.20
C ASN D 88 30.73 6.54 -23.74
N GLU D 89 31.89 5.94 -23.49
CA GLU D 89 32.33 5.66 -22.12
C GLU D 89 32.78 6.92 -21.35
N ASP D 90 32.76 8.07 -22.02
CA ASP D 90 33.12 9.32 -21.38
C ASP D 90 31.86 9.94 -20.79
N SER D 91 30.69 9.46 -21.24
CA SER D 91 29.42 9.97 -20.74
C SER D 91 29.31 9.67 -19.24
N ALA D 92 29.20 10.71 -18.44
CA ALA D 92 29.10 10.54 -16.99
C ALA D 92 28.96 11.88 -16.28
N VAL D 93 29.04 11.84 -14.95
CA VAL D 93 28.95 13.04 -14.12
C VAL D 93 30.32 13.25 -13.49
N TYR D 94 30.85 14.46 -13.64
CA TYR D 94 32.16 14.80 -13.10
C TYR D 94 32.04 15.77 -11.93
N TYR D 95 32.61 15.37 -10.79
CA TYR D 95 32.60 16.19 -9.59
C TYR D 95 33.96 16.83 -9.33
N CYS D 96 33.95 17.99 -8.70
CA CYS D 96 35.19 18.64 -8.32
C CYS D 96 35.09 18.86 -6.81
N THR D 97 36.14 18.44 -6.11
CA THR D 97 36.20 18.57 -4.66
C THR D 97 37.61 19.01 -4.28
N ARG D 98 37.76 19.63 -3.12
CA ARG D 98 39.06 20.10 -2.67
C ARG D 98 39.74 19.17 -1.67
N TRP D 99 41.07 19.28 -1.59
CA TRP D 99 41.89 18.49 -0.68
C TRP D 99 43.00 19.42 -0.18
N PRO D 100 43.21 19.46 1.14
CA PRO D 100 44.22 20.30 1.82
C PRO D 100 45.65 20.21 1.29
N HIS D 101 46.43 21.25 1.62
CA HIS D 101 47.84 21.30 1.23
C HIS D 101 48.64 21.02 2.51
N TYR D 102 49.33 19.88 2.53
CA TYR D 102 50.12 19.46 3.69
C TYR D 102 50.51 20.60 4.64
N TYR D 103 49.81 20.66 5.77
CA TYR D 103 50.07 21.67 6.78
C TYR D 103 50.14 20.95 8.12
N GLY D 104 51.06 19.99 8.21
CA GLY D 104 51.24 19.23 9.44
C GLY D 104 50.00 19.19 10.32
N GLY D 105 49.01 18.40 9.91
CA GLY D 105 47.79 18.27 10.67
C GLY D 105 47.27 16.84 10.69
N SER D 106 46.06 16.65 10.18
CA SER D 106 45.44 15.33 10.12
C SER D 106 44.11 15.41 9.39
N ARG D 107 43.66 16.63 9.11
CA ARG D 107 42.40 16.87 8.43
C ARG D 107 42.54 16.81 6.91
N TYR D 108 42.96 15.65 6.39
CA TYR D 108 43.10 15.48 4.95
C TYR D 108 41.92 14.69 4.42
N TYR D 109 41.07 15.38 3.66
CA TYR D 109 39.88 14.74 3.12
C TYR D 109 39.19 15.62 2.08
N PHE D 110 38.19 15.07 1.39
CA PHE D 110 37.47 15.84 0.39
C PHE D 110 36.39 16.60 1.14
N ASP D 111 36.81 17.73 1.69
CA ASP D 111 36.00 18.66 2.47
C ASP D 111 34.64 18.91 1.84
N TYR D 112 34.61 19.74 0.80
CA TYR D 112 33.38 20.07 0.11
C TYR D 112 33.39 19.51 -1.30
N TRP D 113 32.21 19.33 -1.88
CA TRP D 113 32.07 18.79 -3.24
C TRP D 113 31.19 19.67 -4.10
N GLY D 114 31.34 19.55 -5.42
CA GLY D 114 30.51 20.33 -6.33
C GLY D 114 29.30 19.48 -6.68
N GLN D 115 28.24 20.10 -7.20
CA GLN D 115 27.04 19.35 -7.55
C GLN D 115 27.29 18.40 -8.71
N GLY D 116 28.44 18.53 -9.36
CA GLY D 116 28.78 17.69 -10.49
C GLY D 116 28.18 18.18 -11.79
N THR D 117 28.89 17.98 -12.89
CA THR D 117 28.40 18.42 -14.20
C THR D 117 28.25 17.19 -15.11
N THR D 118 27.13 17.12 -15.83
CA THR D 118 26.89 15.96 -16.71
C THR D 118 27.43 16.18 -18.12
N LEU D 119 28.06 15.14 -18.65
CA LEU D 119 28.61 15.15 -20.00
C LEU D 119 27.98 14.00 -20.77
N THR D 120 27.36 14.32 -21.90
CA THR D 120 26.72 13.30 -22.72
C THR D 120 27.39 13.29 -24.09
N VAL D 121 28.11 12.20 -24.37
CA VAL D 121 28.82 12.07 -25.65
C VAL D 121 27.90 11.44 -26.69
N SER D 122 27.35 12.27 -27.57
CA SER D 122 26.42 11.80 -28.61
C SER D 122 26.31 12.83 -29.73
N SER D 123 26.27 12.36 -30.97
CA SER D 123 26.15 13.26 -32.11
C SER D 123 24.70 13.29 -32.58
N ALA D 124 23.80 12.75 -31.76
CA ALA D 124 22.40 12.72 -32.11
C ALA D 124 21.88 14.15 -32.21
N LYS D 125 20.83 14.34 -33.01
CA LYS D 125 20.27 15.67 -33.18
C LYS D 125 19.09 15.92 -32.24
N THR D 126 18.95 17.18 -31.83
CA THR D 126 17.87 17.61 -30.95
C THR D 126 16.54 17.21 -31.59
N THR D 127 15.71 16.50 -30.82
CA THR D 127 14.42 16.04 -31.31
C THR D 127 13.31 16.24 -30.27
N ALA D 128 12.17 16.72 -30.72
CA ALA D 128 11.03 16.92 -29.85
C ALA D 128 10.40 15.54 -29.61
N PRO D 129 9.85 15.31 -28.41
CA PRO D 129 9.22 14.03 -28.06
C PRO D 129 7.80 13.85 -28.58
N SER D 130 7.41 12.60 -28.79
CA SER D 130 6.05 12.27 -29.22
C SER D 130 5.35 11.78 -27.97
N VAL D 131 4.24 12.42 -27.60
CA VAL D 131 3.49 12.01 -26.40
C VAL D 131 2.25 11.19 -26.75
N TYR D 132 2.18 9.99 -26.19
CA TYR D 132 1.07 9.08 -26.45
C TYR D 132 0.23 8.78 -25.21
N PRO D 133 -1.10 8.76 -25.36
CA PRO D 133 -2.00 8.48 -24.24
C PRO D 133 -2.05 6.98 -23.95
N LEU D 134 -2.07 6.61 -22.67
CA LEU D 134 -2.16 5.20 -22.31
C LEU D 134 -3.50 4.99 -21.60
N ALA D 135 -4.49 4.47 -22.33
CA ALA D 135 -5.82 4.22 -21.79
C ALA D 135 -5.99 2.76 -21.37
N PRO D 136 -6.72 2.53 -20.27
CA PRO D 136 -7.01 1.21 -19.68
C PRO D 136 -7.79 0.21 -20.53
N VAL D 137 -7.67 -1.05 -20.13
CA VAL D 137 -8.36 -2.17 -20.77
C VAL D 137 -8.70 -3.11 -19.61
N CYS D 138 -9.57 -4.09 -19.85
CA CYS D 138 -9.92 -5.02 -18.78
C CYS D 138 -8.65 -5.62 -18.17
N GLY D 139 -8.48 -5.43 -16.87
CA GLY D 139 -7.32 -5.94 -16.16
C GLY D 139 -6.45 -4.86 -15.54
N ASP D 140 -6.74 -3.60 -15.87
CA ASP D 140 -5.96 -2.47 -15.36
C ASP D 140 -6.61 -1.77 -14.18
N THR D 141 -7.39 -2.53 -13.41
CA THR D 141 -8.01 -2.02 -12.21
C THR D 141 -7.60 -2.99 -11.11
N THR D 142 -7.18 -2.47 -9.97
CA THR D 142 -6.81 -3.31 -8.85
C THR D 142 -7.49 -2.69 -7.64
N GLY D 143 -8.26 -3.49 -6.94
CA GLY D 143 -8.99 -2.95 -5.81
C GLY D 143 -9.96 -1.96 -6.42
N SER D 144 -10.07 -0.79 -5.81
CA SER D 144 -10.98 0.24 -6.29
C SER D 144 -10.26 1.36 -7.04
N SER D 145 -9.06 1.07 -7.54
CA SER D 145 -8.27 2.04 -8.27
C SER D 145 -7.99 1.65 -9.72
N VAL D 146 -7.80 2.64 -10.58
CA VAL D 146 -7.51 2.39 -11.98
C VAL D 146 -6.17 3.01 -12.31
N THR D 147 -5.41 2.41 -13.24
CA THR D 147 -4.11 2.96 -13.63
C THR D 147 -4.11 3.41 -15.09
N LEU D 148 -3.68 4.65 -15.30
CA LEU D 148 -3.62 5.29 -16.61
C LEU D 148 -2.14 5.51 -16.92
N GLY D 149 -1.82 5.94 -18.13
CA GLY D 149 -0.42 6.16 -18.46
C GLY D 149 -0.11 7.20 -19.52
N CYS D 150 1.16 7.52 -19.63
CA CYS D 150 1.64 8.51 -20.60
C CYS D 150 3.02 8.08 -21.11
N LEU D 151 3.13 7.89 -22.43
CA LEU D 151 4.39 7.47 -23.05
C LEU D 151 5.08 8.60 -23.80
N VAL D 152 6.33 8.88 -23.42
CA VAL D 152 7.11 9.95 -24.04
C VAL D 152 8.33 9.34 -24.73
N LYS D 153 8.34 9.36 -26.06
CA LYS D 153 9.46 8.76 -26.77
C LYS D 153 9.99 9.52 -27.98
N GLY D 154 11.26 9.27 -28.28
CA GLY D 154 11.91 9.90 -29.41
C GLY D 154 12.37 11.32 -29.19
N TYR D 155 13.04 11.59 -28.09
CA TYR D 155 13.54 12.94 -27.86
C TYR D 155 15.01 12.91 -27.48
N PHE D 156 15.66 14.04 -27.67
CA PHE D 156 17.08 14.22 -27.35
C PHE D 156 17.34 15.73 -27.33
N PRO D 157 18.08 16.22 -26.32
CA PRO D 157 18.67 15.43 -25.24
C PRO D 157 17.77 15.55 -24.00
N GLU D 158 18.24 15.06 -22.87
CA GLU D 158 17.48 15.15 -21.63
C GLU D 158 17.57 16.60 -21.18
N PRO D 159 16.64 17.04 -20.32
CA PRO D 159 15.55 16.22 -19.78
C PRO D 159 14.21 16.61 -20.39
N VAL D 160 13.15 16.09 -19.79
CA VAL D 160 11.81 16.38 -20.22
C VAL D 160 11.04 16.53 -18.91
N THR D 161 9.97 17.31 -18.93
CA THR D 161 9.16 17.51 -17.72
C THR D 161 7.79 16.87 -17.89
N LEU D 162 7.39 16.05 -16.93
CA LEU D 162 6.10 15.38 -16.99
C LEU D 162 5.29 15.56 -15.73
N THR D 163 4.11 16.16 -15.87
CA THR D 163 3.22 16.36 -14.73
C THR D 163 1.84 15.84 -15.10
N TRP D 164 1.02 15.61 -14.09
CA TRP D 164 -0.33 15.13 -14.31
C TRP D 164 -1.31 16.22 -13.85
N ASN D 165 -2.22 16.60 -14.75
CA ASN D 165 -3.18 17.65 -14.44
C ASN D 165 -2.42 18.86 -13.92
N SER D 166 -1.40 19.27 -14.67
CA SER D 166 -0.58 20.43 -14.32
C SER D 166 -0.03 20.38 -12.90
N GLY D 167 0.14 19.18 -12.34
CA GLY D 167 0.68 19.07 -11.00
C GLY D 167 -0.36 18.96 -9.91
N SER D 168 -1.63 18.90 -10.31
CA SER D 168 -2.72 18.79 -9.37
C SER D 168 -2.96 17.33 -9.02
N LEU D 169 -2.16 16.45 -9.60
CA LEU D 169 -2.28 15.01 -9.35
C LEU D 169 -0.89 14.50 -9.04
N SER D 170 -0.52 14.51 -7.77
CA SER D 170 0.80 14.06 -7.37
C SER D 170 0.84 12.69 -6.69
N SER D 171 -0.23 12.31 -6.01
CA SER D 171 -0.24 11.02 -5.32
C SER D 171 -0.44 9.86 -6.29
N GLY D 172 0.16 8.72 -5.95
CA GLY D 172 0.03 7.53 -6.78
C GLY D 172 0.58 7.71 -8.19
N VAL D 173 1.69 8.43 -8.30
CA VAL D 173 2.32 8.67 -9.58
C VAL D 173 3.71 8.03 -9.67
N HIS D 174 3.93 7.29 -10.75
CA HIS D 174 5.24 6.67 -10.96
C HIS D 174 5.82 7.15 -12.28
N THR D 175 6.81 8.04 -12.19
CA THR D 175 7.48 8.54 -13.37
C THR D 175 8.80 7.79 -13.44
N PHE D 176 8.98 7.02 -14.50
CA PHE D 176 10.17 6.21 -14.65
C PHE D 176 11.35 6.87 -15.32
N PRO D 177 12.57 6.46 -14.91
CA PRO D 177 13.80 7.02 -15.49
C PRO D 177 13.84 6.91 -17.01
N ALA D 178 14.41 7.91 -17.67
CA ALA D 178 14.51 7.87 -19.13
C ALA D 178 15.61 6.89 -19.52
N VAL D 179 15.38 6.14 -20.61
CA VAL D 179 16.37 5.18 -21.10
C VAL D 179 16.60 5.46 -22.57
N LEU D 180 17.55 4.74 -23.16
CA LEU D 180 17.90 4.93 -24.56
C LEU D 180 17.26 3.95 -25.52
N GLN D 181 16.61 4.50 -26.54
CA GLN D 181 15.99 3.73 -27.61
C GLN D 181 16.71 4.28 -28.83
N SER D 182 17.78 3.60 -29.22
CA SER D 182 18.61 4.05 -30.33
C SER D 182 19.45 5.17 -29.71
N ASP D 183 19.47 6.33 -30.36
CA ASP D 183 20.21 7.47 -29.83
C ASP D 183 19.22 8.47 -29.23
N LEU D 184 17.98 8.05 -29.11
CA LEU D 184 16.94 8.91 -28.55
C LEU D 184 16.44 8.34 -27.23
N TYR D 185 15.85 9.20 -26.41
CA TYR D 185 15.32 8.80 -25.11
C TYR D 185 13.82 8.52 -25.12
N THR D 186 13.40 7.68 -24.19
CA THR D 186 12.00 7.30 -24.04
C THR D 186 11.67 7.22 -22.55
N LEU D 187 10.57 7.83 -22.16
CA LEU D 187 10.17 7.85 -20.77
C LEU D 187 8.68 7.62 -20.63
N SER D 188 8.29 6.88 -19.59
CA SER D 188 6.88 6.61 -19.33
C SER D 188 6.53 7.05 -17.91
N SER D 189 5.24 7.23 -17.66
CA SER D 189 4.75 7.63 -16.35
C SER D 189 3.35 7.08 -16.14
N SER D 190 3.11 6.48 -14.99
CA SER D 190 1.79 5.95 -14.71
C SER D 190 1.17 6.74 -13.57
N VAL D 191 -0.15 6.85 -13.58
CA VAL D 191 -0.84 7.53 -12.50
C VAL D 191 -2.03 6.63 -12.10
N THR D 192 -2.19 6.43 -10.80
CA THR D 192 -3.27 5.60 -10.32
C THR D 192 -4.27 6.43 -9.53
N VAL D 193 -5.55 6.27 -9.88
CA VAL D 193 -6.62 6.99 -9.21
C VAL D 193 -7.75 6.04 -8.86
N THR D 194 -8.74 6.57 -8.15
CA THR D 194 -9.91 5.80 -7.73
C THR D 194 -10.79 5.52 -8.94
N SER D 195 -11.07 4.25 -9.18
CA SER D 195 -11.88 3.83 -10.32
C SER D 195 -13.00 4.80 -10.71
N SER D 196 -13.67 5.36 -9.71
CA SER D 196 -14.76 6.30 -9.95
C SER D 196 -14.28 7.61 -10.58
N THR D 197 -13.23 8.20 -9.99
CA THR D 197 -12.64 9.45 -10.47
C THR D 197 -12.53 9.57 -12.00
N TRP D 198 -12.18 8.49 -12.67
CA TRP D 198 -11.99 8.47 -14.13
C TRP D 198 -12.95 7.46 -14.78
N PRO D 199 -13.52 7.78 -15.95
CA PRO D 199 -13.36 9.01 -16.75
C PRO D 199 -14.23 10.16 -16.27
N SER D 200 -15.03 9.91 -15.24
CA SER D 200 -15.91 10.93 -14.66
C SER D 200 -15.26 12.30 -14.66
N GLN D 201 -13.97 12.33 -14.32
CA GLN D 201 -13.19 13.55 -14.28
C GLN D 201 -11.93 13.33 -15.11
N SER D 202 -11.70 14.22 -16.07
CA SER D 202 -10.55 14.11 -16.97
C SER D 202 -9.16 14.18 -16.33
N ILE D 203 -8.28 13.35 -16.86
CA ILE D 203 -6.89 13.27 -16.42
C ILE D 203 -6.01 13.59 -17.63
N THR D 204 -5.17 14.60 -17.50
CA THR D 204 -4.30 15.03 -18.59
C THR D 204 -2.81 15.00 -18.26
N CYS D 205 -2.03 14.54 -19.22
CA CYS D 205 -0.59 14.45 -19.09
C CYS D 205 0.06 15.72 -19.68
N ASN D 206 1.00 16.33 -18.94
CA ASN D 206 1.69 17.54 -19.42
C ASN D 206 3.19 17.29 -19.57
N VAL D 207 3.67 17.37 -20.81
CA VAL D 207 5.07 17.11 -21.11
C VAL D 207 5.80 18.31 -21.71
N ALA D 208 6.95 18.64 -21.12
CA ALA D 208 7.76 19.76 -21.58
C ALA D 208 9.18 19.33 -21.96
N HIS D 209 9.71 19.93 -23.02
CA HIS D 209 11.05 19.63 -23.48
C HIS D 209 11.81 20.93 -23.70
N PRO D 210 12.49 21.43 -22.64
CA PRO D 210 13.26 22.68 -22.71
C PRO D 210 14.18 22.81 -23.92
N ALA D 211 15.02 21.79 -24.15
CA ALA D 211 15.96 21.81 -25.27
C ALA D 211 15.23 21.84 -26.63
N SER D 212 13.95 21.49 -26.63
CA SER D 212 13.14 21.46 -27.83
C SER D 212 12.16 22.63 -27.87
N SER D 213 12.00 23.25 -26.70
CA SER D 213 11.09 24.38 -26.52
C SER D 213 9.62 23.93 -26.43
N THR D 214 9.30 22.80 -27.06
CA THR D 214 7.93 22.26 -27.07
C THR D 214 7.27 22.08 -25.70
N LYS D 215 5.95 22.05 -25.69
CA LYS D 215 5.11 21.86 -24.49
C LYS D 215 3.81 21.24 -24.98
N VAL D 216 3.54 20.00 -24.56
CA VAL D 216 2.35 19.31 -25.02
C VAL D 216 1.44 18.78 -23.90
N ASP D 217 0.15 18.73 -24.19
CA ASP D 217 -0.86 18.23 -23.25
C ASP D 217 -1.58 17.05 -23.90
N LYS D 218 -1.72 15.96 -23.15
CA LYS D 218 -2.40 14.78 -23.67
C LYS D 218 -3.40 14.20 -22.67
N LYS D 219 -4.67 14.38 -22.99
CA LYS D 219 -5.75 13.88 -22.15
C LYS D 219 -5.98 12.40 -22.46
N ILE D 220 -6.01 11.57 -21.42
CA ILE D 220 -6.23 10.14 -21.61
C ILE D 220 -7.71 9.92 -21.84
N GLU D 221 -8.06 9.33 -22.98
CA GLU D 221 -9.44 9.08 -23.36
C GLU D 221 -9.71 7.59 -23.39
N PRO D 222 -10.95 7.18 -23.06
CA PRO D 222 -11.33 5.76 -23.05
C PRO D 222 -11.19 5.12 -24.44
#